data_4CPN
#
_entry.id   4CPN
#
_cell.length_a   159.561
_cell.length_b   159.561
_cell.length_c   90.020
_cell.angle_alpha   90.00
_cell.angle_beta   90.00
_cell.angle_gamma   120.00
#
_symmetry.space_group_name_H-M   'P 32 2 1'
#
loop_
_entity.id
_entity.type
_entity.pdbx_description
1 polymer NEURAMINIDASE
2 branched alpha-D-mannopyranose-(1-6)-beta-D-mannopyranose-(1-4)-2-acetamido-2-deoxy-beta-D-glucopyranose-(1-4)-2-acetamido-2-deoxy-beta-D-glucopyranose
3 branched 2-acetamido-2-deoxy-beta-D-glucopyranose-(1-4)-2-acetamido-2-deoxy-beta-D-glucopyranose
4 branched beta-D-mannopyranose-(1-4)-2-acetamido-2-deoxy-beta-D-glucopyranose-(1-4)-2-acetamido-2-deoxy-beta-D-glucopyranose
5 non-polymer 'CALCIUM ION'
6 non-polymer ZANAMIVIR
7 non-polymer 1,2-ETHANEDIOL
8 non-polymer 2-acetamido-2-deoxy-beta-D-glucopyranose
9 water water
#
_entity_poly.entity_id   1
_entity_poly.type   'polypeptide(L)'
_entity_poly.pdbx_seq_one_letter_code
;MLPSTIQTLTLFLTSGGVLLSLYVSASLSYLLYSDILLKFSPTEITAPTMPLDCANASNVQAVNRSATKGVTLLLPEPEW
TYPRLSCPGSTFQKALLISPHRFGETKGNSAPLIIREPFIACGPNECKHFALTHYAAQPGGYYNGTRGDRNKLRHLISVK
LGKIPTVENSIFHMAAWSGSACHDGKEWTYIGVDGPDNNALLKVKYGEAYTDTYHSYANKILRTQESACNCIGGNCYLMI
TDGSASGVSECRFLKIREGRIIKEIFPTGRVKHTEECTCGFASNKTIECACRDNSYTAKRPFVKLNVETDTAEIRLMCTD
TYLDTPRPNDGSITGPCESNGDKGSGGIKGGFVHQRMESKIGRWYSRTMSKTERMGMGLYVKYDGDPWADSDALAFSGVM
VSMKEPGWYSFGFEIKDKKCDVPCIGIEMVHDGGKETWHSAATAIYCLMGSGQLLWDTVTGVDMAL
;
_entity_poly.pdbx_strand_id   A,B
#
loop_
_chem_comp.id
_chem_comp.type
_chem_comp.name
_chem_comp.formula
BMA D-saccharide, beta linking beta-D-mannopyranose 'C6 H12 O6'
CA non-polymer 'CALCIUM ION' 'Ca 2'
EDO non-polymer 1,2-ETHANEDIOL 'C2 H6 O2'
MAN D-saccharide, alpha linking alpha-D-mannopyranose 'C6 H12 O6'
NAG D-saccharide, beta linking 2-acetamido-2-deoxy-beta-D-glucopyranose 'C8 H15 N O6'
ZMR D-saccharide ZANAMIVIR 'C12 H20 N4 O7'
#
# COMPACT_ATOMS: atom_id res chain seq x y z
N GLU A 77 6.46 -3.83 -29.49
CA GLU A 77 5.00 -3.91 -29.42
C GLU A 77 4.54 -5.02 -28.48
N PRO A 78 3.44 -4.78 -27.73
CA PRO A 78 2.97 -5.66 -26.64
C PRO A 78 2.65 -7.08 -27.09
N GLU A 79 3.07 -8.05 -26.28
CA GLU A 79 2.77 -9.45 -26.50
C GLU A 79 1.66 -9.88 -25.56
N TRP A 80 0.96 -10.96 -25.90
CA TRP A 80 -0.06 -11.53 -25.02
C TRP A 80 0.56 -11.96 -23.71
N THR A 81 -0.22 -11.93 -22.64
CA THR A 81 0.31 -12.38 -21.37
C THR A 81 -0.15 -13.78 -21.04
N TYR A 82 0.63 -14.44 -20.19
CA TYR A 82 0.46 -15.83 -19.81
C TYR A 82 0.73 -15.90 -18.33
N PRO A 83 0.00 -16.75 -17.60
CA PRO A 83 0.36 -16.98 -16.20
C PRO A 83 1.81 -17.39 -16.06
N ARG A 84 2.50 -16.84 -15.07
CA ARG A 84 3.87 -17.23 -14.80
C ARG A 84 3.94 -17.92 -13.45
N LEU A 85 5.11 -18.46 -13.12
CA LEU A 85 5.31 -19.00 -11.79
C LEU A 85 5.12 -17.88 -10.75
N SER A 86 4.69 -18.23 -9.56
CA SER A 86 4.45 -17.22 -8.54
C SER A 86 5.78 -16.78 -7.96
N CYS A 87 5.78 -15.64 -7.29
CA CYS A 87 6.99 -15.18 -6.66
C CYS A 87 7.19 -15.98 -5.38
N PRO A 88 8.42 -16.02 -4.87
CA PRO A 88 8.61 -16.78 -3.64
C PRO A 88 7.88 -16.16 -2.45
N GLY A 89 7.46 -17.02 -1.52
CA GLY A 89 6.74 -16.58 -0.34
C GLY A 89 5.95 -17.74 0.24
N SER A 90 5.56 -17.62 1.50
CA SER A 90 4.87 -18.70 2.16
C SER A 90 3.76 -18.19 3.10
N THR A 91 3.56 -16.88 3.12
CA THR A 91 2.47 -16.30 3.90
C THR A 91 1.96 -15.02 3.25
N PHE A 92 0.71 -14.68 3.55
CA PHE A 92 0.15 -13.39 3.17
C PHE A 92 0.37 -12.38 4.28
N GLN A 93 0.32 -11.10 3.92
CA GLN A 93 0.31 -10.02 4.90
C GLN A 93 -0.61 -8.89 4.44
N LYS A 94 -0.99 -8.06 5.39
CA LYS A 94 -1.78 -6.87 5.10
C LYS A 94 -1.00 -5.95 4.20
N ALA A 95 -1.59 -5.60 3.07
CA ALA A 95 -0.90 -4.78 2.10
C ALA A 95 -1.43 -3.36 2.07
N LEU A 96 -2.75 -3.23 1.94
CA LEU A 96 -3.33 -1.95 1.57
C LEU A 96 -4.81 -1.88 1.90
N LEU A 97 -5.24 -0.72 2.39
CA LEU A 97 -6.66 -0.49 2.66
C LEU A 97 -7.18 0.69 1.84
N ILE A 98 -8.26 0.45 1.11
CA ILE A 98 -8.94 1.51 0.39
C ILE A 98 -10.29 1.75 1.05
N SER A 99 -10.34 2.78 1.90
CA SER A 99 -11.52 3.05 2.72
C SER A 99 -12.02 4.47 2.47
N PRO A 100 -12.72 4.68 1.35
CA PRO A 100 -13.03 6.02 0.87
C PRO A 100 -14.01 6.78 1.76
N HIS A 101 -14.74 6.07 2.61
CA HIS A 101 -15.77 6.74 3.39
C HIS A 101 -15.19 7.27 4.67
N ARG A 102 -13.88 7.06 4.82
CA ARG A 102 -13.13 7.81 5.80
C ARG A 102 -13.15 9.30 5.45
N PHE A 103 -13.56 9.62 4.22
CA PHE A 103 -13.60 11.00 3.79
C PHE A 103 -15.01 11.45 3.46
N GLY A 104 -15.99 10.64 3.85
CA GLY A 104 -17.38 10.93 3.54
C GLY A 104 -18.19 11.62 4.63
N GLU A 105 -17.52 12.21 5.61
CA GLU A 105 -18.28 12.86 6.67
C GLU A 105 -18.86 14.19 6.23
N THR A 106 -19.99 14.52 6.82
CA THR A 106 -20.72 15.75 6.56
C THR A 106 -19.89 17.01 6.85
N LYS A 107 -19.00 16.93 7.83
CA LYS A 107 -18.03 17.99 8.13
C LYS A 107 -16.91 18.10 7.09
N GLY A 108 -16.91 17.24 6.08
CA GLY A 108 -15.85 17.21 5.09
C GLY A 108 -16.14 17.87 3.75
N ASN A 109 -15.20 17.69 2.82
CA ASN A 109 -15.29 18.30 1.50
C ASN A 109 -15.05 17.30 0.37
N SER A 110 -15.08 16.02 0.72
CA SER A 110 -14.81 14.98 -0.25
C SER A 110 -16.08 14.33 -0.78
N ALA A 111 -15.91 13.55 -1.84
CA ALA A 111 -17.04 12.93 -2.53
C ALA A 111 -16.74 11.50 -2.95
N PRO A 112 -16.49 10.60 -1.97
CA PRO A 112 -16.33 9.19 -2.34
C PRO A 112 -17.61 8.63 -2.96
N LEU A 113 -17.46 7.78 -3.98
CA LEU A 113 -18.63 7.15 -4.58
C LEU A 113 -19.21 6.06 -3.70
N ILE A 114 -20.53 5.96 -3.69
CA ILE A 114 -21.19 4.81 -3.09
C ILE A 114 -21.06 3.60 -4.02
N ILE A 115 -20.48 2.51 -3.51
CA ILE A 115 -20.17 1.36 -4.33
C ILE A 115 -20.40 0.06 -3.57
N ARG A 116 -20.55 -1.04 -4.30
CA ARG A 116 -20.37 -2.38 -3.76
C ARG A 116 -19.66 -3.27 -4.79
N GLU A 117 -19.43 -4.53 -4.43
CA GLU A 117 -18.78 -5.50 -5.32
C GLU A 117 -17.48 -4.97 -5.94
N PRO A 118 -16.51 -4.60 -5.10
CA PRO A 118 -15.26 -4.17 -5.71
C PRO A 118 -14.41 -5.36 -6.11
N PHE A 119 -13.55 -5.19 -7.10
CA PHE A 119 -12.51 -6.20 -7.37
C PHE A 119 -11.33 -5.50 -8.01
N ILE A 120 -10.25 -6.25 -8.20
CA ILE A 120 -9.05 -5.68 -8.74
C ILE A 120 -8.54 -6.52 -9.91
N ALA A 121 -8.10 -5.87 -10.98
CA ALA A 121 -7.46 -6.58 -12.07
C ALA A 121 -6.20 -5.84 -12.49
N CYS A 122 -5.17 -6.59 -12.83
CA CYS A 122 -3.87 -6.01 -13.11
C CYS A 122 -3.39 -6.35 -14.51
N GLY A 123 -2.89 -5.36 -15.23
CA GLY A 123 -2.21 -5.60 -16.49
C GLY A 123 -0.70 -5.61 -16.30
N PRO A 124 0.03 -5.49 -17.40
CA PRO A 124 1.50 -5.47 -17.34
C PRO A 124 2.05 -4.25 -16.60
N ASN A 125 1.31 -3.15 -16.62
CA ASN A 125 1.83 -1.87 -16.18
C ASN A 125 1.11 -1.21 -15.01
N GLU A 126 -0.06 -1.73 -14.65
CA GLU A 126 -0.95 -0.99 -13.80
C GLU A 126 -1.99 -1.90 -13.20
N CYS A 127 -2.36 -1.63 -11.95
CA CYS A 127 -3.47 -2.34 -11.33
C CYS A 127 -4.68 -1.43 -11.29
N LYS A 128 -5.85 -1.99 -11.58
CA LYS A 128 -7.05 -1.17 -11.50
C LYS A 128 -8.05 -1.68 -10.46
N HIS A 129 -8.69 -0.74 -9.82
CA HIS A 129 -9.63 -1.03 -8.75
C HIS A 129 -11.04 -0.80 -9.29
N PHE A 130 -11.84 -1.85 -9.39
CA PHE A 130 -13.17 -1.73 -9.97
C PHE A 130 -14.25 -1.85 -8.91
N ALA A 131 -15.40 -1.24 -9.19
CA ALA A 131 -16.57 -1.46 -8.38
C ALA A 131 -17.82 -1.13 -9.18
N LEU A 132 -18.96 -1.53 -8.64
CA LEU A 132 -20.26 -1.13 -9.12
C LEU A 132 -20.77 0.02 -8.26
N THR A 133 -20.89 1.21 -8.85
CA THR A 133 -21.39 2.36 -8.09
C THR A 133 -22.90 2.49 -8.22
N HIS A 134 -23.54 3.14 -7.24
CA HIS A 134 -24.97 3.46 -7.36
C HIS A 134 -25.17 4.86 -7.94
N TYR A 135 -24.09 5.38 -8.52
CA TYR A 135 -24.10 6.68 -9.19
C TYR A 135 -24.47 7.75 -8.18
N ALA A 136 -23.86 7.64 -7.01
CA ALA A 136 -24.13 8.56 -5.91
C ALA A 136 -22.90 8.66 -5.03
N ALA A 137 -22.75 9.80 -4.35
CA ALA A 137 -21.63 9.98 -3.45
C ALA A 137 -22.09 10.24 -2.01
N GLN A 138 -21.16 10.10 -1.08
CA GLN A 138 -21.41 10.39 0.30
C GLN A 138 -20.46 11.50 0.75
N PRO A 139 -20.99 12.61 1.33
CA PRO A 139 -22.42 12.90 1.58
C PRO A 139 -23.20 13.21 0.32
N GLY A 140 -24.49 12.91 0.35
CA GLY A 140 -25.36 13.17 -0.79
C GLY A 140 -26.80 12.97 -0.43
N GLY A 141 -27.69 13.13 -1.42
CA GLY A 141 -29.10 12.95 -1.21
C GLY A 141 -29.74 11.75 -1.89
N TYR A 142 -28.95 10.82 -2.42
CA TYR A 142 -29.49 9.67 -3.14
C TYR A 142 -29.15 8.34 -2.45
N TYR A 143 -29.13 8.35 -1.12
CA TYR A 143 -28.88 7.14 -0.32
C TYR A 143 -29.96 6.10 -0.56
N ASN A 144 -31.21 6.54 -0.66
CA ASN A 144 -32.32 5.63 -0.85
C ASN A 144 -32.15 4.78 -2.12
N GLY A 145 -32.02 3.47 -1.93
CA GLY A 145 -31.89 2.55 -3.04
C GLY A 145 -30.50 1.94 -3.16
N THR A 146 -29.56 2.44 -2.37
CA THR A 146 -28.18 1.98 -2.44
C THR A 146 -27.99 0.68 -1.70
N ARG A 147 -29.04 0.19 -1.05
CA ARG A 147 -28.97 -1.15 -0.48
C ARG A 147 -29.67 -2.15 -1.40
N GLY A 148 -30.08 -1.69 -2.58
CA GLY A 148 -30.63 -2.57 -3.61
C GLY A 148 -29.53 -3.10 -4.54
N ASP A 149 -29.84 -4.15 -5.29
CA ASP A 149 -28.82 -4.79 -6.11
C ASP A 149 -28.72 -4.26 -7.52
N ARG A 150 -29.87 -4.00 -8.13
CA ARG A 150 -29.93 -3.67 -9.55
C ARG A 150 -30.86 -2.49 -9.81
N ASN A 151 -30.45 -1.62 -10.72
CA ASN A 151 -31.26 -0.48 -11.15
C ASN A 151 -30.65 0.15 -12.38
N LYS A 152 -31.30 1.13 -12.98
CA LYS A 152 -30.83 1.69 -14.25
C LYS A 152 -29.67 2.66 -14.14
N LEU A 153 -29.19 2.89 -12.92
CA LEU A 153 -28.14 3.88 -12.66
C LEU A 153 -26.78 3.27 -12.33
N ARG A 154 -26.74 1.98 -11.98
CA ARG A 154 -25.50 1.35 -11.60
C ARG A 154 -24.53 1.28 -12.77
N HIS A 155 -23.26 1.57 -12.48
CA HIS A 155 -22.24 1.57 -13.51
C HIS A 155 -21.01 0.88 -13.00
N LEU A 156 -20.27 0.29 -13.93
CA LEU A 156 -18.94 -0.20 -13.65
C LEU A 156 -17.96 0.97 -13.69
N ILE A 157 -17.24 1.17 -12.59
CA ILE A 157 -16.25 2.24 -12.53
C ILE A 157 -14.89 1.70 -12.13
N SER A 158 -13.85 2.49 -12.38
CA SER A 158 -12.54 2.15 -11.85
C SER A 158 -11.68 3.37 -11.56
N VAL A 159 -10.65 3.11 -10.75
CA VAL A 159 -9.54 4.03 -10.56
C VAL A 159 -8.25 3.21 -10.59
N LYS A 160 -7.10 3.88 -10.78
CA LYS A 160 -5.82 3.24 -10.54
C LYS A 160 -5.81 2.82 -9.07
N LEU A 161 -5.31 1.62 -8.81
CA LEU A 161 -5.30 1.08 -7.45
C LEU A 161 -4.42 1.96 -6.56
N GLY A 162 -4.96 2.39 -5.43
CA GLY A 162 -4.26 3.28 -4.53
C GLY A 162 -4.83 4.68 -4.57
N LYS A 163 -5.71 4.92 -5.54
CA LYS A 163 -6.45 6.17 -5.57
C LYS A 163 -7.80 5.92 -4.91
N ILE A 164 -8.32 6.96 -4.27
CA ILE A 164 -9.64 6.89 -3.68
C ILE A 164 -10.74 7.09 -4.76
N PRO A 165 -11.69 6.12 -4.85
CA PRO A 165 -12.77 6.20 -5.84
C PRO A 165 -13.77 7.32 -5.53
N THR A 166 -13.51 8.49 -6.06
CA THR A 166 -14.36 9.65 -5.84
C THR A 166 -15.01 10.03 -7.15
N VAL A 167 -15.91 11.01 -7.09
CA VAL A 167 -16.60 11.47 -8.27
C VAL A 167 -15.61 11.89 -9.36
N GLU A 168 -14.66 12.74 -8.99
CA GLU A 168 -13.70 13.26 -9.96
C GLU A 168 -12.64 12.21 -10.40
N ASN A 169 -12.23 11.31 -9.50
CA ASN A 169 -11.16 10.37 -9.81
C ASN A 169 -11.56 9.18 -10.67
N SER A 170 -12.79 8.71 -10.50
CA SER A 170 -13.27 7.52 -11.15
C SER A 170 -13.53 7.72 -12.62
N ILE A 171 -13.37 6.65 -13.40
CA ILE A 171 -13.84 6.67 -14.77
C ILE A 171 -15.05 5.73 -14.86
N PHE A 172 -16.10 6.13 -15.57
CA PHE A 172 -17.31 5.32 -15.72
C PHE A 172 -17.23 4.55 -17.04
N HIS A 173 -17.15 3.23 -16.96
CA HIS A 173 -16.91 2.44 -18.15
C HIS A 173 -18.17 2.12 -18.92
N MET A 174 -19.24 1.80 -18.19
CA MET A 174 -20.51 1.38 -18.77
C MET A 174 -21.58 1.10 -17.72
N ALA A 175 -22.84 1.21 -18.11
CA ALA A 175 -23.95 0.83 -17.24
C ALA A 175 -23.87 -0.66 -16.94
N ALA A 176 -23.90 -1.02 -15.66
CA ALA A 176 -23.80 -2.41 -15.27
C ALA A 176 -24.15 -2.60 -13.81
N TRP A 177 -24.82 -3.71 -13.49
CA TRP A 177 -25.03 -4.09 -12.11
C TRP A 177 -24.39 -5.42 -11.82
N SER A 178 -23.55 -5.85 -12.76
CA SER A 178 -22.74 -7.06 -12.62
C SER A 178 -21.54 -6.87 -13.54
N GLY A 179 -20.36 -7.23 -13.07
CA GLY A 179 -19.18 -6.85 -13.82
C GLY A 179 -17.95 -7.71 -13.74
N SER A 180 -17.05 -7.48 -14.68
CA SER A 180 -15.75 -8.15 -14.70
C SER A 180 -14.82 -7.35 -15.58
N ALA A 181 -13.53 -7.73 -15.58
CA ALA A 181 -12.51 -7.02 -16.33
C ALA A 181 -11.20 -7.80 -16.29
N CYS A 182 -10.36 -7.58 -17.30
CA CYS A 182 -9.07 -8.26 -17.39
C CYS A 182 -8.27 -7.67 -18.51
N HIS A 183 -6.97 -7.78 -18.37
CA HIS A 183 -6.05 -7.25 -19.37
C HIS A 183 -5.44 -8.45 -20.08
N ASP A 184 -5.40 -8.42 -21.40
CA ASP A 184 -4.87 -9.55 -22.15
C ASP A 184 -3.39 -9.36 -22.47
N GLY A 185 -2.85 -8.20 -22.11
CA GLY A 185 -1.46 -7.87 -22.41
C GLY A 185 -1.32 -6.76 -23.43
N LYS A 186 -2.40 -6.51 -24.17
CA LYS A 186 -2.44 -5.42 -25.12
C LYS A 186 -3.48 -4.38 -24.73
N GLU A 187 -4.58 -4.85 -24.17
CA GLU A 187 -5.72 -3.99 -23.96
C GLU A 187 -6.65 -4.50 -22.84
N TRP A 188 -7.38 -3.58 -22.21
CA TRP A 188 -8.43 -3.93 -21.25
C TRP A 188 -9.72 -4.43 -21.90
N THR A 189 -10.25 -5.50 -21.34
CA THR A 189 -11.59 -5.94 -21.62
C THR A 189 -12.45 -5.60 -20.39
N TYR A 190 -13.51 -4.83 -20.60
CA TYR A 190 -14.50 -4.55 -19.56
C TYR A 190 -15.78 -5.34 -19.82
N ILE A 191 -16.38 -5.84 -18.74
CA ILE A 191 -17.60 -6.64 -18.85
C ILE A 191 -18.68 -6.09 -17.94
N GLY A 192 -19.83 -5.76 -18.50
CA GLY A 192 -20.92 -5.26 -17.70
C GLY A 192 -22.27 -5.80 -18.11
N VAL A 193 -23.00 -6.35 -17.13
CA VAL A 193 -24.35 -6.84 -17.35
C VAL A 193 -25.38 -5.84 -16.82
N ASP A 194 -26.37 -5.49 -17.65
CA ASP A 194 -27.52 -4.77 -17.11
C ASP A 194 -28.77 -5.15 -17.90
N GLY A 195 -29.79 -4.30 -17.87
CA GLY A 195 -31.07 -4.63 -18.47
C GLY A 195 -32.01 -5.19 -17.40
N PRO A 196 -33.24 -5.52 -17.79
CA PRO A 196 -34.29 -6.08 -16.92
C PRO A 196 -33.98 -7.51 -16.42
N ASP A 197 -34.48 -7.87 -15.24
CA ASP A 197 -34.16 -9.16 -14.64
C ASP A 197 -34.50 -10.34 -15.55
N ASN A 198 -35.60 -10.24 -16.28
CA ASN A 198 -36.03 -11.35 -17.11
C ASN A 198 -35.35 -11.37 -18.47
N ASN A 199 -34.43 -10.45 -18.69
CA ASN A 199 -33.84 -10.32 -20.02
C ASN A 199 -32.60 -9.44 -20.00
N ALA A 200 -31.67 -9.77 -19.13
CA ALA A 200 -30.51 -8.92 -18.95
C ALA A 200 -29.49 -9.19 -20.06
N LEU A 201 -28.48 -8.34 -20.14
CA LEU A 201 -27.58 -8.37 -21.27
C LEU A 201 -26.16 -8.16 -20.80
N LEU A 202 -25.27 -9.10 -21.12
CA LEU A 202 -23.85 -8.92 -20.88
C LEU A 202 -23.25 -8.10 -22.01
N LYS A 203 -22.54 -7.04 -21.65
CA LYS A 203 -21.86 -6.19 -22.65
C LYS A 203 -20.35 -6.26 -22.54
N VAL A 204 -19.68 -6.37 -23.69
CA VAL A 204 -18.24 -6.41 -23.72
C VAL A 204 -17.68 -5.12 -24.30
N LYS A 205 -16.71 -4.55 -23.61
CA LYS A 205 -16.06 -3.33 -24.07
C LYS A 205 -14.55 -3.61 -24.19
N TYR A 206 -13.97 -3.28 -25.32
CA TYR A 206 -12.54 -3.53 -25.54
C TYR A 206 -11.84 -2.18 -25.69
N GLY A 207 -11.07 -1.82 -24.68
CA GLY A 207 -10.61 -0.44 -24.56
C GLY A 207 -11.79 0.51 -24.46
N GLU A 208 -11.96 1.34 -25.47
CA GLU A 208 -13.02 2.34 -25.45
C GLU A 208 -14.20 1.91 -26.33
N ALA A 209 -14.04 0.81 -27.04
CA ALA A 209 -15.09 0.39 -27.96
C ALA A 209 -15.97 -0.74 -27.38
N TYR A 210 -17.29 -0.54 -27.44
CA TYR A 210 -18.25 -1.62 -27.19
C TYR A 210 -18.16 -2.57 -28.39
N THR A 211 -17.97 -3.85 -28.12
CA THR A 211 -17.60 -4.78 -29.16
C THR A 211 -18.53 -6.00 -29.29
N ASP A 212 -19.20 -6.37 -28.21
CA ASP A 212 -20.04 -7.55 -28.23
C ASP A 212 -21.04 -7.60 -27.06
N THR A 213 -22.05 -8.44 -27.22
CA THR A 213 -23.01 -8.73 -26.17
C THR A 213 -23.34 -10.21 -26.11
N TYR A 214 -23.98 -10.62 -25.02
CA TYR A 214 -24.45 -11.98 -24.86
C TYR A 214 -25.77 -11.94 -24.10
N HIS A 215 -26.75 -12.69 -24.57
CA HIS A 215 -28.11 -12.59 -24.04
C HIS A 215 -28.38 -13.56 -22.92
N SER A 216 -29.31 -13.18 -22.06
CA SER A 216 -29.84 -14.08 -21.06
C SER A 216 -30.32 -15.37 -21.71
N TYR A 217 -29.92 -16.52 -21.17
CA TYR A 217 -30.39 -17.81 -21.70
C TYR A 217 -31.39 -18.51 -20.78
N ALA A 218 -31.73 -17.90 -19.65
CA ALA A 218 -32.67 -18.51 -18.71
C ALA A 218 -33.65 -17.48 -18.20
N ASN A 219 -33.45 -16.23 -18.59
CA ASN A 219 -34.37 -15.14 -18.22
C ASN A 219 -34.55 -14.97 -16.71
N LYS A 220 -33.51 -15.28 -15.95
CA LYS A 220 -33.56 -15.10 -14.51
C LYS A 220 -32.24 -14.50 -14.04
N ILE A 221 -32.07 -13.21 -14.32
CA ILE A 221 -30.92 -12.42 -13.88
C ILE A 221 -29.59 -13.00 -14.38
N LEU A 222 -29.33 -12.84 -15.67
CA LEU A 222 -28.00 -13.03 -16.22
C LEU A 222 -27.00 -12.17 -15.43
N ARG A 223 -25.88 -12.77 -15.04
CA ARG A 223 -24.90 -12.12 -14.17
C ARG A 223 -23.53 -12.78 -14.33
N THR A 224 -22.51 -12.12 -13.80
CA THR A 224 -21.16 -12.61 -14.03
C THR A 224 -20.32 -12.59 -12.74
N GLN A 225 -18.99 -12.57 -12.88
CA GLN A 225 -18.11 -12.98 -11.80
C GLN A 225 -18.00 -12.03 -10.60
N GLU A 226 -18.09 -10.73 -10.87
CA GLU A 226 -17.74 -9.69 -9.89
C GLU A 226 -16.27 -9.78 -9.49
N SER A 227 -15.45 -10.27 -10.40
CA SER A 227 -14.00 -10.27 -10.20
C SER A 227 -13.32 -10.43 -11.56
N ALA A 228 -11.99 -10.34 -11.55
CA ALA A 228 -11.24 -10.33 -12.80
C ALA A 228 -11.45 -11.62 -13.63
N CYS A 229 -11.67 -11.45 -14.93
CA CYS A 229 -11.62 -12.58 -15.85
C CYS A 229 -10.14 -12.90 -16.09
N ASN A 230 -9.88 -13.96 -16.84
CA ASN A 230 -8.52 -14.47 -16.95
C ASN A 230 -8.09 -14.66 -18.40
N CYS A 231 -6.97 -14.06 -18.79
CA CYS A 231 -6.53 -14.14 -20.18
C CYS A 231 -5.26 -14.97 -20.35
N ILE A 232 -5.21 -15.68 -21.47
CA ILE A 232 -4.03 -16.42 -21.84
C ILE A 232 -3.92 -16.47 -23.34
N GLY A 233 -2.84 -15.92 -23.86
CA GLY A 233 -2.60 -15.93 -25.30
C GLY A 233 -3.59 -15.10 -26.09
N GLY A 234 -4.19 -14.11 -25.44
CA GLY A 234 -5.18 -13.28 -26.11
C GLY A 234 -6.59 -13.79 -25.90
N ASN A 235 -6.72 -14.99 -25.35
CA ASN A 235 -8.01 -15.59 -25.05
C ASN A 235 -8.46 -15.29 -23.63
N CYS A 236 -9.60 -14.63 -23.48
CA CYS A 236 -10.06 -14.30 -22.13
C CYS A 236 -11.27 -15.12 -21.73
N TYR A 237 -11.17 -15.78 -20.60
CA TYR A 237 -12.23 -16.66 -20.14
C TYR A 237 -13.03 -16.02 -19.02
N LEU A 238 -14.35 -16.12 -19.14
CA LEU A 238 -15.26 -15.44 -18.24
C LEU A 238 -16.45 -16.32 -17.83
N MET A 239 -16.70 -16.42 -16.53
CA MET A 239 -17.90 -17.14 -16.07
C MET A 239 -19.15 -16.25 -16.14
N ILE A 240 -20.21 -16.79 -16.71
CA ILE A 240 -21.52 -16.16 -16.60
C ILE A 240 -22.52 -17.15 -16.04
N THR A 241 -23.62 -16.67 -15.47
CA THR A 241 -24.68 -17.58 -15.07
C THR A 241 -26.07 -16.95 -15.18
N ASP A 242 -27.08 -17.78 -15.06
CA ASP A 242 -28.45 -17.33 -15.28
C ASP A 242 -29.38 -18.32 -14.60
N GLY A 243 -30.40 -17.84 -13.92
CA GLY A 243 -31.30 -18.73 -13.20
C GLY A 243 -31.57 -18.25 -11.80
N SER A 244 -32.55 -18.89 -11.17
CA SER A 244 -32.97 -18.52 -9.83
C SER A 244 -31.86 -18.56 -8.79
N ALA A 245 -31.85 -17.51 -7.95
CA ALA A 245 -30.98 -17.42 -6.80
C ALA A 245 -31.26 -18.54 -5.80
N SER A 246 -32.50 -19.03 -5.83
CA SER A 246 -32.92 -20.09 -4.92
C SER A 246 -33.27 -21.39 -5.65
N GLY A 247 -32.76 -21.56 -6.87
CA GLY A 247 -32.96 -22.78 -7.63
C GLY A 247 -31.80 -23.07 -8.57
N VAL A 248 -32.11 -23.56 -9.77
CA VAL A 248 -31.07 -23.90 -10.75
C VAL A 248 -30.46 -22.66 -11.43
N SER A 249 -29.13 -22.57 -11.41
CA SER A 249 -28.37 -21.57 -12.15
C SER A 249 -27.17 -22.22 -12.85
N GLU A 250 -27.36 -22.74 -14.06
CA GLU A 250 -26.28 -23.40 -14.78
C GLU A 250 -25.37 -22.38 -15.43
N CYS A 251 -24.14 -22.27 -14.95
CA CYS A 251 -23.23 -21.29 -15.51
C CYS A 251 -22.71 -21.75 -16.88
N ARG A 252 -22.14 -20.80 -17.62
CA ARG A 252 -21.41 -21.07 -18.84
C ARG A 252 -20.12 -20.28 -18.80
N PHE A 253 -19.20 -20.60 -19.71
CA PHE A 253 -17.98 -19.82 -19.85
C PHE A 253 -17.89 -19.24 -21.24
N LEU A 254 -17.57 -17.96 -21.29
CA LEU A 254 -17.36 -17.28 -22.56
C LEU A 254 -15.87 -17.23 -22.83
N LYS A 255 -15.48 -17.63 -24.03
CA LYS A 255 -14.13 -17.41 -24.53
C LYS A 255 -14.15 -16.13 -25.35
N ILE A 256 -13.37 -15.15 -24.94
CA ILE A 256 -13.41 -13.82 -25.55
C ILE A 256 -12.05 -13.36 -26.10
N ARG A 257 -12.05 -12.87 -27.33
CA ARG A 257 -10.82 -12.46 -27.97
C ARG A 257 -10.95 -11.10 -28.64
N GLU A 258 -10.12 -10.17 -28.16
CA GLU A 258 -10.11 -8.78 -28.61
C GLU A 258 -11.51 -8.20 -28.61
N GLY A 259 -12.23 -8.48 -27.54
CA GLY A 259 -13.53 -7.90 -27.30
C GLY A 259 -14.71 -8.69 -27.87
N ARG A 260 -14.43 -9.77 -28.60
CA ARG A 260 -15.54 -10.50 -29.21
C ARG A 260 -15.60 -11.94 -28.76
N ILE A 261 -16.80 -12.35 -28.35
CA ILE A 261 -17.07 -13.71 -27.91
C ILE A 261 -16.90 -14.70 -29.07
N ILE A 262 -15.99 -15.66 -28.91
CA ILE A 262 -15.68 -16.57 -29.99
C ILE A 262 -16.08 -18.00 -29.66
N LYS A 263 -16.48 -18.24 -28.43
CA LYS A 263 -16.88 -19.58 -28.00
C LYS A 263 -17.62 -19.59 -26.67
N GLU A 264 -18.65 -20.42 -26.59
CA GLU A 264 -19.30 -20.71 -25.32
C GLU A 264 -18.90 -22.11 -24.87
N ILE A 265 -18.57 -22.22 -23.60
CA ILE A 265 -18.17 -23.48 -23.02
C ILE A 265 -19.25 -23.96 -22.04
N PHE A 266 -19.71 -25.19 -22.24
CA PHE A 266 -20.77 -25.75 -21.40
C PHE A 266 -20.18 -26.75 -20.43
N PRO A 267 -20.09 -26.34 -19.15
CA PRO A 267 -19.49 -27.23 -18.16
C PRO A 267 -20.24 -28.54 -18.00
N THR A 268 -19.56 -29.49 -17.40
CA THR A 268 -19.96 -30.87 -17.25
C THR A 268 -19.97 -31.15 -15.76
N GLY A 269 -20.77 -32.11 -15.29
CA GLY A 269 -20.67 -32.56 -13.91
C GLY A 269 -21.74 -32.00 -12.98
N ARG A 270 -21.33 -31.51 -11.82
CA ARG A 270 -22.27 -30.95 -10.84
C ARG A 270 -22.59 -29.54 -11.25
N VAL A 271 -23.70 -29.38 -11.93
CA VAL A 271 -23.89 -28.19 -12.75
C VAL A 271 -25.12 -27.37 -12.33
N LYS A 272 -25.84 -27.82 -11.30
CA LYS A 272 -27.13 -27.21 -10.98
C LYS A 272 -27.13 -25.80 -10.35
N HIS A 273 -26.06 -25.38 -9.69
CA HIS A 273 -25.98 -23.96 -9.29
C HIS A 273 -24.55 -23.48 -9.11
N THR A 274 -24.14 -22.58 -9.99
CA THR A 274 -22.80 -22.01 -9.95
C THR A 274 -22.88 -20.53 -10.28
N GLU A 275 -22.45 -19.68 -9.36
CA GLU A 275 -22.41 -18.25 -9.62
C GLU A 275 -21.21 -17.59 -8.98
N GLU A 276 -20.95 -16.35 -9.40
CA GLU A 276 -19.88 -15.51 -8.84
C GLU A 276 -18.56 -16.22 -8.63
N CYS A 277 -18.13 -16.97 -9.64
CA CYS A 277 -16.84 -17.65 -9.61
C CYS A 277 -15.64 -16.71 -9.47
N THR A 278 -14.75 -17.04 -8.56
CA THR A 278 -13.43 -16.43 -8.49
C THR A 278 -12.44 -17.36 -9.17
N CYS A 279 -11.87 -16.91 -10.28
CA CYS A 279 -11.07 -17.79 -11.13
C CYS A 279 -9.61 -17.38 -11.23
N GLY A 280 -8.73 -18.36 -11.42
CA GLY A 280 -7.34 -18.10 -11.69
C GLY A 280 -6.71 -19.28 -12.40
N PHE A 281 -5.46 -19.10 -12.83
CA PHE A 281 -4.70 -20.11 -13.53
C PHE A 281 -3.99 -21.07 -12.58
N ALA A 282 -4.31 -22.34 -12.68
CA ALA A 282 -3.56 -23.36 -11.96
C ALA A 282 -2.29 -23.62 -12.74
N SER A 283 -2.34 -23.30 -14.02
CA SER A 283 -1.21 -23.55 -14.93
C SER A 283 -1.55 -22.97 -16.29
N ASN A 284 -0.70 -23.26 -17.26
CA ASN A 284 -0.94 -22.83 -18.62
C ASN A 284 -2.02 -23.65 -19.32
N LYS A 285 -2.46 -24.73 -18.67
CA LYS A 285 -3.45 -25.61 -19.26
C LYS A 285 -4.79 -25.52 -18.54
N THR A 286 -4.77 -25.06 -17.28
CA THR A 286 -5.99 -25.11 -16.49
C THR A 286 -6.34 -23.81 -15.80
N ILE A 287 -7.60 -23.43 -15.95
CA ILE A 287 -8.20 -22.43 -15.08
C ILE A 287 -9.04 -23.11 -14.01
N GLU A 288 -8.91 -22.66 -12.77
CA GLU A 288 -9.74 -23.18 -11.69
C GLU A 288 -10.51 -22.03 -11.07
N CYS A 289 -11.71 -22.33 -10.60
CA CYS A 289 -12.61 -21.35 -10.00
C CYS A 289 -13.24 -21.91 -8.73
N ALA A 290 -13.29 -21.10 -7.68
CA ALA A 290 -14.12 -21.44 -6.53
C ALA A 290 -15.35 -20.57 -6.58
N CYS A 291 -16.52 -21.18 -6.49
CA CYS A 291 -17.75 -20.44 -6.80
C CYS A 291 -18.75 -20.40 -5.65
N ARG A 292 -19.83 -19.65 -5.86
CA ARG A 292 -20.93 -19.59 -4.92
C ARG A 292 -22.13 -20.46 -5.34
N ASP A 293 -22.65 -21.26 -4.42
CA ASP A 293 -23.97 -21.87 -4.56
C ASP A 293 -24.91 -21.23 -3.54
N ASN A 294 -25.84 -20.41 -4.03
CA ASN A 294 -26.74 -19.64 -3.18
C ASN A 294 -27.96 -20.43 -2.75
N SER A 295 -28.05 -21.65 -3.25
CA SER A 295 -29.29 -22.38 -3.18
C SER A 295 -29.16 -23.71 -2.43
N TYR A 296 -28.15 -24.50 -2.78
CA TYR A 296 -28.16 -25.91 -2.39
C TYR A 296 -27.17 -26.31 -1.31
N THR A 297 -26.00 -25.67 -1.29
CA THR A 297 -24.95 -26.16 -0.41
C THR A 297 -24.04 -25.03 0.10
N ALA A 298 -23.30 -25.34 1.16
CA ALA A 298 -22.28 -24.45 1.70
C ALA A 298 -20.90 -24.85 1.19
N LYS A 299 -20.80 -26.00 0.54
CA LYS A 299 -19.58 -26.32 -0.18
C LYS A 299 -19.53 -25.42 -1.40
N ARG A 300 -18.33 -25.09 -1.86
CA ARG A 300 -18.18 -24.28 -3.06
C ARG A 300 -18.04 -25.17 -4.29
N PRO A 301 -18.87 -24.91 -5.31
CA PRO A 301 -18.62 -25.56 -6.60
C PRO A 301 -17.23 -25.17 -7.07
N PHE A 302 -16.50 -26.15 -7.59
CA PHE A 302 -15.13 -25.94 -8.00
C PHE A 302 -14.96 -26.34 -9.46
N VAL A 303 -14.72 -25.33 -10.28
CA VAL A 303 -14.58 -25.48 -11.72
C VAL A 303 -13.13 -25.79 -12.10
N LYS A 304 -12.94 -26.83 -12.89
CA LYS A 304 -11.70 -27.01 -13.62
C LYS A 304 -11.97 -26.81 -15.10
N LEU A 305 -11.37 -25.78 -15.69
CA LEU A 305 -11.55 -25.47 -17.10
C LEU A 305 -10.23 -25.70 -17.84
N ASN A 306 -10.25 -26.61 -18.81
CA ASN A 306 -9.10 -26.89 -19.66
C ASN A 306 -9.03 -25.91 -20.82
N VAL A 307 -7.92 -25.20 -20.91
CA VAL A 307 -7.78 -24.10 -21.83
C VAL A 307 -7.26 -24.59 -23.20
N GLU A 308 -6.73 -25.82 -23.23
CA GLU A 308 -6.26 -26.43 -24.47
C GLU A 308 -7.37 -27.10 -25.28
N THR A 309 -8.43 -27.53 -24.61
CA THR A 309 -9.54 -28.19 -25.31
C THR A 309 -10.83 -27.40 -25.15
N ASP A 310 -10.75 -26.31 -24.40
CA ASP A 310 -11.90 -25.45 -24.09
C ASP A 310 -13.10 -26.23 -23.53
N THR A 311 -12.81 -27.09 -22.56
CA THR A 311 -13.84 -27.87 -21.89
C THR A 311 -13.74 -27.65 -20.39
N ALA A 312 -14.82 -27.95 -19.66
CA ALA A 312 -14.91 -27.62 -18.25
C ALA A 312 -15.73 -28.62 -17.46
N GLU A 313 -15.29 -28.90 -16.25
CA GLU A 313 -16.04 -29.72 -15.33
C GLU A 313 -16.22 -29.00 -13.99
N ILE A 314 -17.36 -29.21 -13.36
CA ILE A 314 -17.62 -28.68 -12.04
C ILE A 314 -17.96 -29.79 -11.06
N ARG A 315 -17.27 -29.79 -9.91
CA ARG A 315 -17.62 -30.62 -8.75
C ARG A 315 -17.56 -29.76 -7.50
N LEU A 316 -18.24 -30.21 -6.45
CA LEU A 316 -18.18 -29.53 -5.17
C LEU A 316 -16.82 -29.74 -4.51
N MET A 317 -16.25 -28.67 -3.97
CA MET A 317 -15.10 -28.79 -3.09
C MET A 317 -15.38 -29.75 -1.95
N CYS A 318 -14.52 -30.74 -1.81
CA CYS A 318 -14.67 -31.77 -0.81
C CYS A 318 -14.23 -31.35 0.61
N THR A 319 -13.48 -30.26 0.73
CA THR A 319 -12.82 -29.95 2.01
C THR A 319 -13.82 -29.78 3.16
N ASP A 320 -13.46 -30.30 4.34
CA ASP A 320 -14.24 -30.08 5.56
C ASP A 320 -14.40 -28.60 5.90
N THR A 321 -13.44 -27.79 5.45
CA THR A 321 -13.46 -26.36 5.67
C THR A 321 -14.41 -25.66 4.69
N TYR A 322 -15.71 -25.74 4.95
CA TYR A 322 -16.68 -25.16 4.04
C TYR A 322 -16.49 -23.64 3.93
N LEU A 323 -16.46 -23.15 2.70
CA LEU A 323 -16.05 -21.76 2.46
C LEU A 323 -17.21 -20.79 2.24
N ASP A 324 -18.44 -21.29 2.20
CA ASP A 324 -19.58 -20.40 2.02
C ASP A 324 -20.02 -19.76 3.35
N THR A 325 -20.87 -18.74 3.24
CA THR A 325 -21.57 -18.15 4.36
C THR A 325 -23.00 -17.92 3.92
N PRO A 326 -23.98 -18.53 4.60
CA PRO A 326 -23.83 -19.37 5.78
C PRO A 326 -23.29 -20.76 5.49
N ARG A 327 -23.04 -21.48 6.56
CA ARG A 327 -22.43 -22.79 6.49
C ARG A 327 -22.62 -23.46 7.83
N PRO A 328 -22.64 -24.79 7.82
CA PRO A 328 -22.74 -25.52 9.09
C PRO A 328 -21.35 -25.70 9.69
N ASN A 329 -21.25 -26.41 10.80
CA ASN A 329 -19.96 -26.68 11.39
C ASN A 329 -19.06 -27.44 10.44
N ASP A 330 -17.75 -27.18 10.48
CA ASP A 330 -16.82 -27.84 9.56
C ASP A 330 -16.89 -29.36 9.70
N GLY A 331 -16.81 -30.07 8.59
CA GLY A 331 -16.85 -31.52 8.61
C GLY A 331 -18.20 -32.13 8.99
N SER A 332 -19.25 -31.32 9.05
CA SER A 332 -20.52 -31.85 9.55
C SER A 332 -21.45 -32.29 8.43
N ILE A 333 -21.12 -31.93 7.19
CA ILE A 333 -21.87 -32.44 6.04
C ILE A 333 -21.43 -33.88 5.77
N THR A 334 -22.25 -34.82 6.24
CA THR A 334 -21.89 -36.23 6.22
C THR A 334 -22.05 -36.80 4.81
N GLY A 335 -21.46 -37.97 4.56
CA GLY A 335 -21.57 -38.63 3.27
C GLY A 335 -20.47 -38.26 2.27
N PRO A 336 -20.57 -38.78 1.05
CA PRO A 336 -19.57 -38.60 0.00
C PRO A 336 -19.38 -37.15 -0.40
N CYS A 337 -18.32 -36.88 -1.15
CA CYS A 337 -17.91 -35.52 -1.49
C CYS A 337 -18.99 -34.63 -2.12
N GLU A 338 -19.88 -35.22 -2.90
CA GLU A 338 -20.88 -34.41 -3.62
C GLU A 338 -22.12 -34.14 -2.78
N SER A 339 -22.13 -34.57 -1.53
CA SER A 339 -23.27 -34.31 -0.62
C SER A 339 -23.43 -32.80 -0.40
N ASN A 340 -24.67 -32.34 -0.46
CA ASN A 340 -24.95 -30.92 -0.33
C ASN A 340 -25.03 -30.48 1.13
N GLY A 341 -25.71 -31.26 1.96
CA GLY A 341 -25.84 -30.96 3.37
C GLY A 341 -26.72 -29.76 3.69
N ASP A 342 -26.65 -29.30 4.94
CA ASP A 342 -27.56 -28.26 5.41
C ASP A 342 -26.97 -26.86 5.45
N LYS A 343 -27.84 -25.90 5.69
CA LYS A 343 -27.51 -24.47 5.71
C LYS A 343 -26.97 -24.02 4.36
N GLY A 344 -27.47 -24.64 3.30
CA GLY A 344 -26.97 -24.38 1.95
C GLY A 344 -27.58 -23.17 1.27
N SER A 345 -28.77 -22.78 1.74
CA SER A 345 -29.43 -21.61 1.17
C SER A 345 -28.65 -20.35 1.56
N GLY A 346 -28.55 -19.40 0.64
CA GLY A 346 -27.72 -18.23 0.85
C GLY A 346 -26.29 -18.48 0.41
N GLY A 347 -25.45 -17.45 0.50
CA GLY A 347 -24.09 -17.61 0.07
C GLY A 347 -23.32 -16.31 -0.01
N ILE A 348 -22.09 -16.39 -0.50
CA ILE A 348 -21.23 -15.23 -0.57
C ILE A 348 -20.07 -15.54 -1.52
N LYS A 349 -19.65 -14.55 -2.29
CA LYS A 349 -18.51 -14.70 -3.18
C LYS A 349 -17.23 -14.81 -2.34
N GLY A 350 -16.42 -15.83 -2.61
CA GLY A 350 -15.26 -16.06 -1.77
C GLY A 350 -13.96 -15.79 -2.49
N GLY A 351 -12.93 -15.43 -1.72
CA GLY A 351 -11.60 -15.28 -2.25
C GLY A 351 -10.95 -16.62 -2.55
N PHE A 352 -10.20 -16.62 -3.65
CA PHE A 352 -9.47 -17.78 -4.11
C PHE A 352 -8.34 -17.28 -5.00
N VAL A 353 -7.12 -17.74 -4.75
CA VAL A 353 -6.02 -17.38 -5.64
C VAL A 353 -4.99 -18.49 -5.64
N HIS A 354 -4.28 -18.62 -6.76
CA HIS A 354 -3.29 -19.69 -6.94
C HIS A 354 -1.88 -19.24 -6.64
N GLN A 355 -1.13 -20.11 -5.97
CA GLN A 355 0.30 -19.93 -5.83
C GLN A 355 1.02 -21.00 -6.65
N ARG A 356 1.46 -20.64 -7.85
CA ARG A 356 2.09 -21.58 -8.80
C ARG A 356 3.60 -21.72 -8.60
N MET A 357 4.02 -22.91 -8.18
CA MET A 357 5.44 -23.23 -8.04
C MET A 357 5.82 -24.29 -9.08
N GLU A 358 7.10 -24.58 -9.22
CA GLU A 358 7.54 -25.52 -10.25
C GLU A 358 6.90 -26.90 -10.12
N SER A 359 6.98 -27.45 -8.91
CA SER A 359 6.59 -28.83 -8.69
C SER A 359 5.34 -28.97 -7.83
N LYS A 360 4.79 -27.85 -7.36
CA LYS A 360 3.57 -27.92 -6.58
C LYS A 360 2.69 -26.69 -6.77
N ILE A 361 1.43 -26.81 -6.38
CA ILE A 361 0.47 -25.72 -6.52
C ILE A 361 -0.19 -25.39 -5.17
N GLY A 362 -0.18 -24.12 -4.80
CA GLY A 362 -0.80 -23.72 -3.55
C GLY A 362 -2.12 -23.05 -3.82
N ARG A 363 -3.15 -23.42 -3.08
CA ARG A 363 -4.44 -22.78 -3.24
C ARG A 363 -4.81 -22.03 -1.98
N TRP A 364 -5.04 -20.72 -2.14
CA TRP A 364 -5.37 -19.87 -1.00
C TRP A 364 -6.82 -19.46 -1.05
N TYR A 365 -7.49 -19.56 0.10
CA TYR A 365 -8.93 -19.24 0.16
C TYR A 365 -9.27 -18.34 1.34
N SER A 366 -10.39 -17.66 1.24
CA SER A 366 -10.88 -16.89 2.37
C SER A 366 -12.33 -17.19 2.67
N ARG A 367 -12.71 -17.13 3.94
CA ARG A 367 -14.11 -17.16 4.33
C ARG A 367 -14.38 -16.32 5.57
N THR A 368 -15.64 -15.93 5.78
CA THR A 368 -16.00 -15.08 6.90
C THR A 368 -15.69 -15.81 8.21
N MET A 369 -15.46 -15.05 9.28
CA MET A 369 -15.24 -15.68 10.59
C MET A 369 -16.53 -16.22 11.19
N SER A 370 -17.65 -15.53 10.96
CA SER A 370 -18.95 -16.03 11.40
C SER A 370 -19.48 -17.09 10.45
N LYS A 371 -20.09 -18.13 11.00
CA LYS A 371 -20.69 -19.17 10.18
C LYS A 371 -22.00 -18.73 9.54
N THR A 372 -22.57 -17.61 10.00
CA THR A 372 -23.87 -17.19 9.49
C THR A 372 -23.92 -15.75 9.00
N GLU A 373 -23.08 -14.90 9.56
CA GLU A 373 -23.17 -13.50 9.22
C GLU A 373 -21.96 -13.07 8.43
N ARG A 374 -22.08 -11.94 7.75
CA ARG A 374 -20.98 -11.46 6.94
C ARG A 374 -20.04 -10.64 7.80
N MET A 375 -19.39 -11.32 8.73
CA MET A 375 -18.54 -10.69 9.71
C MET A 375 -17.21 -11.40 9.77
N GLY A 376 -16.13 -10.64 9.64
CA GLY A 376 -14.81 -11.22 9.70
C GLY A 376 -14.40 -11.81 8.37
N MET A 377 -13.14 -12.24 8.31
CA MET A 377 -12.58 -12.85 7.12
C MET A 377 -11.27 -13.53 7.50
N GLY A 378 -11.20 -14.84 7.27
CA GLY A 378 -10.02 -15.60 7.61
C GLY A 378 -9.39 -16.15 6.34
N LEU A 379 -8.11 -16.49 6.43
CA LEU A 379 -7.36 -16.94 5.28
C LEU A 379 -6.97 -18.40 5.48
N TYR A 380 -7.03 -19.17 4.41
CA TYR A 380 -6.77 -20.60 4.47
C TYR A 380 -5.92 -21.03 3.28
N VAL A 381 -5.18 -22.11 3.46
CA VAL A 381 -4.33 -22.57 2.40
C VAL A 381 -4.21 -24.09 2.39
N LYS A 382 -4.12 -24.65 1.18
CA LYS A 382 -3.72 -26.04 1.00
C LYS A 382 -2.81 -26.17 -0.21
N TYR A 383 -1.76 -26.97 -0.07
CA TYR A 383 -0.89 -27.29 -1.18
C TYR A 383 -1.23 -28.63 -1.81
N ASP A 384 -1.41 -28.61 -3.13
CA ASP A 384 -1.58 -29.81 -3.95
C ASP A 384 -2.88 -30.54 -3.67
N GLY A 385 -2.90 -31.82 -3.99
CA GLY A 385 -4.12 -32.59 -3.88
C GLY A 385 -5.14 -32.26 -4.96
N ASP A 386 -6.30 -32.87 -4.85
CA ASP A 386 -7.41 -32.59 -5.73
C ASP A 386 -8.56 -32.07 -4.88
N PRO A 387 -8.94 -30.80 -5.08
CA PRO A 387 -10.04 -30.18 -4.31
C PRO A 387 -11.41 -30.88 -4.48
N TRP A 388 -11.56 -31.71 -5.52
CA TRP A 388 -12.80 -32.46 -5.73
C TRP A 388 -12.90 -33.68 -4.84
N ALA A 389 -11.75 -34.20 -4.42
CA ALA A 389 -11.70 -35.50 -3.76
C ALA A 389 -11.17 -35.46 -2.32
N ASP A 390 -10.38 -34.44 -1.98
CA ASP A 390 -9.74 -34.41 -0.67
C ASP A 390 -10.60 -33.68 0.36
N SER A 391 -10.83 -34.36 1.49
CA SER A 391 -11.69 -33.85 2.53
C SER A 391 -10.92 -33.14 3.64
N ASP A 392 -9.60 -33.28 3.61
CA ASP A 392 -8.73 -32.61 4.60
C ASP A 392 -9.13 -31.16 4.79
N ALA A 393 -9.11 -30.73 6.04
CA ALA A 393 -9.30 -29.33 6.37
C ALA A 393 -8.20 -28.50 5.73
N LEU A 394 -8.56 -27.30 5.28
CA LEU A 394 -7.56 -26.33 4.84
C LEU A 394 -6.82 -25.83 6.08
N ALA A 395 -5.56 -25.44 5.91
CA ALA A 395 -4.78 -24.91 7.02
C ALA A 395 -5.17 -23.46 7.27
N PHE A 396 -5.47 -23.14 8.52
CA PHE A 396 -5.80 -21.78 8.88
C PHE A 396 -4.54 -20.92 8.79
N SER A 397 -4.63 -19.84 8.03
CA SER A 397 -3.45 -19.02 7.81
C SER A 397 -3.47 -17.77 8.68
N GLY A 398 -4.65 -17.31 9.07
CA GLY A 398 -4.74 -16.15 9.95
C GLY A 398 -5.99 -15.30 9.73
N VAL A 399 -6.18 -14.35 10.63
CA VAL A 399 -7.32 -13.44 10.58
C VAL A 399 -7.00 -12.16 9.83
N MET A 400 -7.63 -11.98 8.68
CA MET A 400 -7.47 -10.76 7.89
C MET A 400 -8.41 -9.65 8.39
N VAL A 401 -9.60 -10.03 8.81
CA VAL A 401 -10.61 -9.10 9.30
C VAL A 401 -11.25 -9.75 10.52
N SER A 402 -11.14 -9.10 11.68
CA SER A 402 -11.65 -9.69 12.91
C SER A 402 -13.18 -9.78 12.85
N MET A 403 -13.77 -10.61 13.71
CA MET A 403 -15.22 -10.80 13.63
C MET A 403 -16.01 -9.56 14.05
N LYS A 404 -15.34 -8.59 14.67
CA LYS A 404 -15.98 -7.33 15.04
C LYS A 404 -16.24 -6.43 13.81
N GLU A 405 -15.58 -6.75 12.70
CA GLU A 405 -15.66 -5.92 11.48
C GLU A 405 -16.41 -6.66 10.37
N PRO A 406 -16.96 -5.91 9.40
CA PRO A 406 -17.68 -6.53 8.29
C PRO A 406 -16.77 -7.25 7.29
N GLY A 407 -17.19 -8.45 6.89
CA GLY A 407 -16.48 -9.24 5.90
C GLY A 407 -17.49 -9.73 4.88
N TRP A 408 -17.53 -9.08 3.73
CA TRP A 408 -18.49 -9.44 2.70
C TRP A 408 -17.77 -10.17 1.56
N TYR A 409 -17.86 -9.66 0.34
CA TYR A 409 -17.20 -10.34 -0.78
C TYR A 409 -15.68 -10.40 -0.65
N SER A 410 -15.12 -11.46 -1.17
CA SER A 410 -13.68 -11.52 -1.29
C SER A 410 -13.39 -12.04 -2.68
N PHE A 411 -12.22 -11.69 -3.19
CA PHE A 411 -11.85 -11.98 -4.55
C PHE A 411 -10.35 -12.24 -4.62
N GLY A 412 -9.94 -13.03 -5.62
CA GLY A 412 -8.53 -13.25 -5.87
C GLY A 412 -8.11 -12.33 -6.99
N PHE A 413 -6.80 -12.15 -7.11
CA PHE A 413 -6.18 -11.44 -8.24
C PHE A 413 -4.66 -11.58 -8.13
N GLU A 414 -3.97 -11.31 -9.25
CA GLU A 414 -2.52 -11.36 -9.25
C GLU A 414 -1.91 -10.05 -9.76
N ILE A 415 -0.82 -9.64 -9.13
CA ILE A 415 -0.04 -8.51 -9.60
C ILE A 415 1.11 -9.01 -10.46
N LYS A 416 1.36 -8.35 -11.56
CA LYS A 416 2.49 -8.71 -12.41
C LYS A 416 3.77 -8.02 -11.92
N ASP A 417 4.67 -8.81 -11.36
CA ASP A 417 6.01 -8.34 -11.02
C ASP A 417 6.86 -8.51 -12.29
N LYS A 418 8.16 -8.29 -12.20
CA LYS A 418 9.01 -8.29 -13.39
C LYS A 418 9.08 -9.66 -14.06
N LYS A 419 9.29 -10.70 -13.26
CA LYS A 419 9.51 -12.03 -13.81
C LYS A 419 8.56 -13.08 -13.20
N CYS A 420 7.67 -12.64 -12.33
CA CYS A 420 6.74 -13.57 -11.72
C CYS A 420 5.45 -12.88 -11.30
N ASP A 421 4.52 -13.67 -10.78
CA ASP A 421 3.20 -13.18 -10.44
C ASP A 421 3.02 -13.19 -8.94
N VAL A 422 2.44 -12.13 -8.40
CA VAL A 422 2.18 -12.05 -6.96
C VAL A 422 0.71 -12.30 -6.68
N PRO A 423 0.38 -13.41 -6.02
CA PRO A 423 -1.02 -13.73 -5.70
C PRO A 423 -1.56 -12.91 -4.52
N CYS A 424 -2.76 -12.37 -4.68
CA CYS A 424 -3.38 -11.49 -3.70
C CYS A 424 -4.84 -11.82 -3.43
N ILE A 425 -5.33 -11.44 -2.26
CA ILE A 425 -6.76 -11.50 -2.00
C ILE A 425 -7.30 -10.18 -1.48
N GLY A 426 -8.39 -9.74 -2.09
CA GLY A 426 -9.08 -8.54 -1.66
C GLY A 426 -10.38 -8.83 -0.91
N ILE A 427 -10.75 -7.91 -0.02
CA ILE A 427 -11.90 -8.13 0.83
C ILE A 427 -12.80 -6.90 0.84
N GLU A 428 -14.05 -7.10 0.48
CA GLU A 428 -15.05 -6.04 0.51
C GLU A 428 -15.53 -5.87 1.94
N MET A 429 -15.36 -4.68 2.50
CA MET A 429 -15.83 -4.46 3.86
C MET A 429 -16.98 -3.49 3.82
N VAL A 430 -18.19 -4.02 3.87
CA VAL A 430 -19.38 -3.22 3.61
C VAL A 430 -19.79 -2.46 4.86
N HIS A 431 -20.07 -1.18 4.69
CA HIS A 431 -20.69 -0.37 5.74
C HIS A 431 -22.20 -0.53 5.61
N ASP A 432 -22.80 -1.32 6.49
CA ASP A 432 -24.23 -1.58 6.41
C ASP A 432 -24.94 -0.99 7.61
N GLY A 433 -25.71 0.08 7.38
CA GLY A 433 -26.51 0.69 8.44
C GLY A 433 -27.99 0.42 8.26
N GLY A 434 -28.30 -0.58 7.44
CA GLY A 434 -29.70 -0.85 7.12
C GLY A 434 -30.13 0.02 5.96
N LYS A 435 -31.40 -0.09 5.58
CA LYS A 435 -31.90 0.61 4.40
C LYS A 435 -32.24 2.07 4.69
N GLU A 436 -32.15 2.47 5.95
CA GLU A 436 -32.44 3.86 6.29
C GLU A 436 -31.27 4.85 6.11
N THR A 437 -30.12 4.38 5.64
CA THR A 437 -28.98 5.26 5.41
C THR A 437 -28.19 4.80 4.17
N TRP A 438 -27.01 5.36 3.95
CA TRP A 438 -26.18 4.95 2.82
C TRP A 438 -25.60 3.57 3.05
N HIS A 439 -25.17 2.96 1.95
CA HIS A 439 -24.73 1.58 1.92
C HIS A 439 -23.56 1.53 0.96
N SER A 440 -22.36 1.22 1.45
CA SER A 440 -21.20 1.17 0.58
C SER A 440 -20.10 0.32 1.20
N ALA A 441 -18.90 0.41 0.62
CA ALA A 441 -17.84 -0.54 0.95
C ALA A 441 -16.44 0.04 0.89
N ALA A 442 -15.61 -0.46 1.79
CA ALA A 442 -14.17 -0.30 1.73
C ALA A 442 -13.57 -1.57 1.13
N THR A 443 -12.28 -1.53 0.76
CA THR A 443 -11.61 -2.70 0.21
C THR A 443 -10.25 -2.93 0.89
N ALA A 444 -10.05 -4.12 1.45
CA ALA A 444 -8.75 -4.46 2.03
C ALA A 444 -8.03 -5.43 1.10
N ILE A 445 -6.70 -5.33 1.06
CA ILE A 445 -5.89 -6.18 0.22
C ILE A 445 -4.80 -6.90 1.01
N TYR A 446 -4.76 -8.22 0.84
CA TYR A 446 -3.70 -9.05 1.41
C TYR A 446 -2.96 -9.74 0.26
N CYS A 447 -1.65 -9.89 0.42
CA CYS A 447 -0.81 -10.40 -0.65
C CYS A 447 0.19 -11.41 -0.12
N LEU A 448 0.56 -12.37 -0.98
CA LEU A 448 1.69 -13.25 -0.69
C LEU A 448 2.95 -12.40 -0.57
N MET A 449 3.69 -12.58 0.51
CA MET A 449 4.70 -11.62 0.91
C MET A 449 5.66 -12.20 1.96
N GLY A 450 6.84 -12.63 1.52
CA GLY A 450 7.79 -13.16 2.47
C GLY A 450 7.33 -14.44 3.15
N SER A 451 7.96 -14.79 4.27
CA SER A 451 7.59 -15.99 4.99
C SER A 451 7.09 -15.68 6.40
N GLY A 452 6.93 -16.71 7.22
CA GLY A 452 6.38 -16.55 8.54
C GLY A 452 4.87 -16.69 8.59
N GLN A 453 4.25 -15.89 9.46
CA GLN A 453 2.82 -15.99 9.71
C GLN A 453 2.18 -14.63 9.49
N LEU A 454 0.90 -14.64 9.11
CA LEU A 454 0.14 -13.41 8.90
C LEU A 454 0.03 -12.60 10.19
N LEU A 455 0.25 -11.30 10.14
CA LEU A 455 0.53 -10.55 11.36
C LEU A 455 -0.50 -9.51 11.81
N TRP A 456 -1.24 -8.90 10.88
CA TRP A 456 -2.25 -7.92 11.30
C TRP A 456 -3.54 -7.97 10.53
N ASP A 457 -4.62 -7.65 11.23
CA ASP A 457 -5.95 -7.55 10.64
C ASP A 457 -6.25 -6.13 10.20
N THR A 458 -7.40 -5.96 9.56
CA THR A 458 -7.77 -4.69 8.94
C THR A 458 -9.08 -4.19 9.55
N VAL A 459 -9.16 -2.88 9.79
CA VAL A 459 -10.42 -2.22 10.18
C VAL A 459 -10.68 -1.09 9.20
N THR A 460 -11.94 -0.71 9.00
CA THR A 460 -12.23 0.37 8.04
C THR A 460 -12.05 1.76 8.66
N GLY A 461 -12.18 1.85 9.98
CA GLY A 461 -12.04 3.12 10.69
C GLY A 461 -13.19 4.09 10.47
N VAL A 462 -14.28 3.57 9.90
CA VAL A 462 -15.42 4.39 9.51
C VAL A 462 -16.58 4.34 10.51
N ASP A 463 -17.03 5.51 10.91
CA ASP A 463 -18.21 5.67 11.73
C ASP A 463 -19.37 6.15 10.85
N MET A 464 -20.43 5.34 10.76
CA MET A 464 -21.47 5.65 9.79
C MET A 464 -22.37 6.81 10.19
N ALA A 465 -22.34 7.23 11.46
CA ALA A 465 -23.12 8.38 11.91
C ALA A 465 -22.54 9.72 11.43
N LEU A 466 -21.28 9.71 11.00
CA LEU A 466 -20.61 10.95 10.56
C LEU A 466 -20.98 11.41 9.14
N GLU B 77 15.78 2.27 -23.01
CA GLU B 77 16.28 1.20 -22.16
C GLU B 77 16.90 1.74 -20.85
N PRO B 78 16.07 1.95 -19.82
CA PRO B 78 16.50 2.60 -18.57
C PRO B 78 17.67 1.88 -17.91
N GLU B 79 18.64 2.64 -17.44
CA GLU B 79 19.79 2.07 -16.75
C GLU B 79 19.76 2.35 -15.25
N TRP B 80 20.57 1.60 -14.51
CA TRP B 80 20.74 1.81 -13.08
C TRP B 80 21.26 3.21 -12.75
N THR B 81 20.77 3.73 -11.66
CA THR B 81 21.18 5.03 -11.18
C THR B 81 22.47 4.92 -10.35
N TYR B 82 23.33 5.94 -10.46
CA TYR B 82 24.50 6.09 -9.60
C TYR B 82 24.52 7.52 -9.06
N PRO B 83 25.12 7.75 -7.88
CA PRO B 83 25.29 9.14 -7.44
C PRO B 83 26.26 9.88 -8.35
N ARG B 84 25.88 11.08 -8.77
CA ARG B 84 26.71 11.88 -9.64
C ARG B 84 27.35 13.03 -8.85
N LEU B 85 28.32 13.71 -9.45
CA LEU B 85 28.82 14.96 -8.87
C LEU B 85 27.67 15.93 -8.63
N SER B 86 27.72 16.66 -7.52
CA SER B 86 26.69 17.63 -7.24
C SER B 86 26.81 18.83 -8.18
N CYS B 87 25.71 19.50 -8.41
CA CYS B 87 25.73 20.73 -9.20
C CYS B 87 26.47 21.86 -8.45
N PRO B 88 26.92 22.89 -9.19
CA PRO B 88 27.63 24.00 -8.57
C PRO B 88 26.77 24.84 -7.64
N GLY B 89 27.39 25.44 -6.64
CA GLY B 89 26.68 26.31 -5.73
C GLY B 89 27.31 26.22 -4.38
N SER B 90 27.05 27.20 -3.52
CA SER B 90 27.74 27.23 -2.25
C SER B 90 26.83 27.65 -1.14
N THR B 91 25.56 27.85 -1.46
CA THR B 91 24.58 28.11 -0.42
C THR B 91 23.22 27.49 -0.73
N PHE B 92 22.44 27.26 0.32
CA PHE B 92 21.06 26.85 0.16
C PHE B 92 20.16 28.07 0.09
N GLN B 93 19.00 27.91 -0.54
CA GLN B 93 17.97 28.93 -0.57
C GLN B 93 16.60 28.28 -0.44
N LYS B 94 15.63 29.06 0.02
CA LYS B 94 14.25 28.61 0.11
C LYS B 94 13.72 28.28 -1.27
N ALA B 95 13.26 27.04 -1.44
CA ALA B 95 12.81 26.62 -2.75
C ALA B 95 11.29 26.58 -2.83
N LEU B 96 10.68 25.85 -1.91
CA LEU B 96 9.29 25.48 -2.07
C LEU B 96 8.63 25.18 -0.73
N LEU B 97 7.45 25.75 -0.51
CA LEU B 97 6.61 25.38 0.63
C LEU B 97 5.39 24.53 0.18
N ILE B 98 5.18 23.39 0.84
CA ILE B 98 4.00 22.57 0.65
C ILE B 98 3.15 22.58 1.92
N SER B 99 2.10 23.40 1.93
CA SER B 99 1.35 23.67 3.16
C SER B 99 -0.14 23.40 2.99
N PRO B 100 -0.50 22.11 2.98
CA PRO B 100 -1.85 21.63 2.63
C PRO B 100 -2.96 22.25 3.49
N HIS B 101 -2.68 22.52 4.75
CA HIS B 101 -3.72 23.01 5.66
C HIS B 101 -3.97 24.51 5.59
N ARG B 102 -3.26 25.17 4.69
CA ARG B 102 -3.67 26.50 4.22
C ARG B 102 -5.05 26.43 3.56
N PHE B 103 -5.49 25.22 3.22
CA PHE B 103 -6.74 25.05 2.49
C PHE B 103 -7.73 24.19 3.24
N GLY B 104 -7.47 23.93 4.51
CA GLY B 104 -8.30 23.03 5.30
C GLY B 104 -9.24 23.68 6.31
N GLU B 105 -9.72 24.89 6.01
CA GLU B 105 -10.68 25.55 6.89
C GLU B 105 -12.09 25.02 6.70
N THR B 106 -12.94 25.22 7.71
CA THR B 106 -14.35 24.88 7.59
C THR B 106 -15.01 25.80 6.56
N LYS B 107 -14.56 27.05 6.46
CA LYS B 107 -15.04 27.98 5.42
C LYS B 107 -14.69 27.54 3.99
N GLY B 108 -13.79 26.57 3.85
CA GLY B 108 -13.24 26.18 2.56
C GLY B 108 -13.90 24.95 1.93
N ASN B 109 -13.30 24.45 0.86
CA ASN B 109 -13.86 23.32 0.11
C ASN B 109 -12.82 22.26 -0.26
N SER B 110 -11.70 22.25 0.47
CA SER B 110 -10.63 21.30 0.18
C SER B 110 -10.51 20.23 1.23
N ALA B 111 -9.70 19.23 0.91
CA ALA B 111 -9.57 18.06 1.75
C ALA B 111 -8.12 17.62 1.89
N PRO B 112 -7.27 18.48 2.48
CA PRO B 112 -5.87 18.06 2.66
C PRO B 112 -5.80 16.90 3.63
N LEU B 113 -4.90 15.96 3.37
CA LEU B 113 -4.76 14.78 4.20
C LEU B 113 -4.01 15.12 5.48
N ILE B 114 -4.41 14.49 6.57
CA ILE B 114 -3.69 14.58 7.82
C ILE B 114 -2.49 13.63 7.78
N ILE B 115 -1.30 14.20 7.93
CA ILE B 115 -0.06 13.45 7.75
C ILE B 115 1.02 13.84 8.76
N ARG B 116 2.01 12.99 8.92
CA ARG B 116 3.25 13.37 9.56
C ARG B 116 4.39 12.60 8.90
N GLU B 117 5.61 12.90 9.33
CA GLU B 117 6.83 12.31 8.78
C GLU B 117 6.90 12.34 7.27
N PRO B 118 6.87 13.54 6.68
CA PRO B 118 7.09 13.58 5.23
C PRO B 118 8.55 13.34 4.84
N PHE B 119 8.76 12.94 3.59
CA PHE B 119 10.10 12.92 3.01
C PHE B 119 9.95 12.95 1.50
N ILE B 120 11.06 13.21 0.81
CA ILE B 120 11.03 13.31 -0.63
C ILE B 120 12.09 12.40 -1.23
N ALA B 121 11.74 11.73 -2.32
CA ALA B 121 12.69 10.95 -3.10
C ALA B 121 12.45 11.24 -4.55
N CYS B 122 13.54 11.30 -5.30
CA CYS B 122 13.46 11.65 -6.70
C CYS B 122 14.02 10.53 -7.57
N GLY B 123 13.40 10.34 -8.73
CA GLY B 123 13.92 9.43 -9.73
C GLY B 123 14.47 10.25 -10.88
N PRO B 124 14.72 9.58 -12.00
CA PRO B 124 15.32 10.35 -13.11
C PRO B 124 14.32 11.29 -13.80
N ASN B 125 13.02 11.11 -13.62
CA ASN B 125 12.04 12.00 -14.26
C ASN B 125 11.15 12.77 -13.30
N GLU B 126 10.98 12.28 -12.08
CA GLU B 126 9.96 12.82 -11.21
C GLU B 126 10.45 12.95 -9.78
N CYS B 127 9.90 13.90 -9.05
CA CYS B 127 10.11 13.96 -7.60
C CYS B 127 8.83 13.55 -6.88
N LYS B 128 8.94 12.68 -5.89
CA LYS B 128 7.76 12.31 -5.13
C LYS B 128 7.82 12.74 -3.69
N HIS B 129 6.71 13.29 -3.25
CA HIS B 129 6.54 13.76 -1.90
C HIS B 129 5.79 12.69 -1.08
N PHE B 130 6.48 12.06 -0.14
CA PHE B 130 5.90 10.97 0.63
C PHE B 130 5.43 11.42 2.01
N ALA B 131 4.48 10.71 2.59
CA ALA B 131 4.07 10.96 3.95
C ALA B 131 3.36 9.75 4.54
N LEU B 132 3.19 9.78 5.85
CA LEU B 132 2.41 8.78 6.54
C LEU B 132 1.09 9.40 6.97
N THR B 133 0.01 9.04 6.30
CA THR B 133 -1.27 9.66 6.59
C THR B 133 -1.92 8.97 7.79
N HIS B 134 -2.89 9.64 8.40
CA HIS B 134 -3.75 8.98 9.39
C HIS B 134 -5.07 8.57 8.76
N TYR B 135 -5.15 8.69 7.44
CA TYR B 135 -6.32 8.27 6.67
C TYR B 135 -7.55 9.09 7.07
N ALA B 136 -7.32 10.39 7.20
CA ALA B 136 -8.34 11.34 7.57
C ALA B 136 -7.97 12.65 6.93
N ALA B 137 -8.98 13.47 6.62
CA ALA B 137 -8.71 14.77 6.03
C ALA B 137 -9.10 15.88 6.99
N GLN B 138 -8.75 17.11 6.62
CA GLN B 138 -9.12 18.29 7.37
C GLN B 138 -9.73 19.31 6.44
N PRO B 139 -10.98 19.72 6.68
CA PRO B 139 -11.78 19.35 7.85
C PRO B 139 -12.38 17.96 7.74
N GLY B 140 -12.65 17.36 8.90
CA GLY B 140 -13.21 16.03 8.99
C GLY B 140 -13.55 15.66 10.41
N GLY B 141 -13.95 14.41 10.60
CA GLY B 141 -14.44 13.98 11.89
C GLY B 141 -13.57 12.93 12.57
N TYR B 142 -12.39 12.66 12.02
CA TYR B 142 -11.53 11.62 12.60
C TYR B 142 -10.19 12.17 13.16
N TYR B 143 -10.25 13.31 13.85
CA TYR B 143 -9.04 13.94 14.40
C TYR B 143 -8.49 13.14 15.55
N ASN B 144 -9.40 12.60 16.35
CA ASN B 144 -9.05 11.82 17.51
C ASN B 144 -8.15 10.65 17.10
N GLY B 145 -6.91 10.72 17.58
CA GLY B 145 -5.91 9.70 17.33
C GLY B 145 -4.82 10.17 16.39
N THR B 146 -5.04 11.29 15.72
CA THR B 146 -4.06 11.80 14.78
C THR B 146 -2.77 12.32 15.44
N ARG B 147 -2.74 12.39 16.77
CA ARG B 147 -1.50 12.71 17.50
C ARG B 147 -0.84 11.44 18.00
N GLY B 148 -1.28 10.30 17.50
CA GLY B 148 -0.67 9.04 17.87
C GLY B 148 0.33 8.65 16.80
N ASP B 149 1.22 7.73 17.14
CA ASP B 149 2.24 7.28 16.20
C ASP B 149 1.78 6.12 15.30
N ARG B 150 1.17 5.11 15.90
CA ARG B 150 0.91 3.87 15.18
C ARG B 150 -0.54 3.40 15.37
N ASN B 151 -1.14 2.92 14.28
CA ASN B 151 -2.47 2.33 14.31
C ASN B 151 -2.69 1.56 13.02
N LYS B 152 -3.82 0.87 12.90
CA LYS B 152 -4.07 0.04 11.76
C LYS B 152 -4.49 0.84 10.52
N LEU B 153 -4.57 2.16 10.64
CA LEU B 153 -5.05 2.97 9.52
C LEU B 153 -3.96 3.70 8.76
N ARG B 154 -2.78 3.88 9.36
CA ARG B 154 -1.75 4.67 8.70
C ARG B 154 -1.25 4.02 7.42
N HIS B 155 -1.15 4.84 6.38
CA HIS B 155 -0.65 4.40 5.10
C HIS B 155 0.45 5.34 4.63
N LEU B 156 1.44 4.76 3.95
CA LEU B 156 2.37 5.52 3.12
C LEU B 156 1.66 6.09 1.88
N ILE B 157 1.70 7.40 1.71
CA ILE B 157 1.10 8.04 0.53
C ILE B 157 2.11 8.88 -0.20
N SER B 158 1.81 9.26 -1.43
CA SER B 158 2.65 10.22 -2.14
C SER B 158 1.85 11.07 -3.11
N VAL B 159 2.42 12.23 -3.47
CA VAL B 159 1.98 13.02 -4.62
C VAL B 159 3.25 13.39 -5.37
N LYS B 160 3.12 13.78 -6.64
CA LYS B 160 4.21 14.44 -7.31
C LYS B 160 4.56 15.70 -6.53
N LEU B 161 5.85 15.93 -6.28
CA LEU B 161 6.28 17.12 -5.55
C LEU B 161 5.82 18.39 -6.24
N GLY B 162 5.18 19.29 -5.49
CA GLY B 162 4.58 20.46 -6.09
C GLY B 162 3.07 20.39 -6.13
N LYS B 163 2.51 19.22 -5.80
CA LYS B 163 1.07 19.08 -5.69
C LYS B 163 0.66 19.09 -4.24
N ILE B 164 -0.50 19.69 -3.95
CA ILE B 164 -1.07 19.63 -2.60
C ILE B 164 -1.61 18.22 -2.34
N PRO B 165 -1.05 17.53 -1.33
CA PRO B 165 -1.45 16.17 -0.97
C PRO B 165 -2.84 16.09 -0.33
N THR B 166 -3.87 16.09 -1.18
CA THR B 166 -5.25 15.97 -0.77
C THR B 166 -5.74 14.54 -0.88
N VAL B 167 -6.96 14.32 -0.38
CA VAL B 167 -7.67 13.07 -0.60
C VAL B 167 -7.59 12.63 -2.07
N GLU B 168 -7.87 13.54 -3.02
CA GLU B 168 -7.96 13.15 -4.43
C GLU B 168 -6.62 13.11 -5.17
N ASN B 169 -5.70 14.01 -4.82
CA ASN B 169 -4.39 14.02 -5.47
C ASN B 169 -3.44 12.90 -5.05
N SER B 170 -3.64 12.38 -3.85
CA SER B 170 -2.71 11.41 -3.30
C SER B 170 -2.89 9.99 -3.83
N ILE B 171 -1.86 9.19 -3.71
CA ILE B 171 -2.02 7.77 -3.97
C ILE B 171 -1.52 6.99 -2.75
N PHE B 172 -2.27 5.95 -2.42
CA PHE B 172 -2.00 5.15 -1.24
C PHE B 172 -1.19 3.91 -1.64
N HIS B 173 0.05 3.86 -1.16
CA HIS B 173 0.98 2.80 -1.54
C HIS B 173 0.84 1.53 -0.75
N MET B 174 0.81 1.65 0.57
CA MET B 174 0.64 0.50 1.43
C MET B 174 0.39 0.92 2.87
N ALA B 175 -0.12 -0.01 3.66
CA ALA B 175 -0.30 0.20 5.07
C ALA B 175 1.07 0.33 5.72
N ALA B 176 1.25 1.36 6.55
CA ALA B 176 2.56 1.62 7.11
C ALA B 176 2.51 2.72 8.16
N TRP B 177 3.12 2.47 9.32
CA TRP B 177 3.28 3.56 10.28
C TRP B 177 4.75 3.92 10.39
N SER B 178 5.53 3.46 9.42
CA SER B 178 6.93 3.82 9.28
C SER B 178 7.32 3.46 7.85
N GLY B 179 8.03 4.37 7.18
CA GLY B 179 8.32 4.16 5.78
C GLY B 179 9.60 4.71 5.18
N SER B 180 9.78 4.38 3.91
CA SER B 180 10.90 4.86 3.09
C SER B 180 10.58 4.55 1.63
N ALA B 181 11.41 5.07 0.73
CA ALA B 181 11.21 4.86 -0.70
C ALA B 181 12.44 5.33 -1.43
N CYS B 182 12.66 4.78 -2.62
CA CYS B 182 13.77 5.20 -3.46
C CYS B 182 13.61 4.67 -4.87
N HIS B 183 14.28 5.33 -5.81
CA HIS B 183 14.24 4.96 -7.20
C HIS B 183 15.63 4.45 -7.58
N ASP B 184 15.68 3.36 -8.35
CA ASP B 184 16.94 2.72 -8.65
C ASP B 184 17.36 2.98 -10.09
N GLY B 185 16.59 3.84 -10.78
CA GLY B 185 16.85 4.16 -12.16
C GLY B 185 15.82 3.48 -13.06
N LYS B 186 15.32 2.34 -12.60
CA LYS B 186 14.33 1.58 -13.38
C LYS B 186 12.93 1.62 -12.75
N GLU B 187 12.87 1.55 -11.44
CA GLU B 187 11.61 1.35 -10.77
C GLU B 187 11.61 1.92 -9.34
N TRP B 188 10.44 2.32 -8.83
CA TRP B 188 10.31 2.75 -7.44
C TRP B 188 10.30 1.56 -6.47
N THR B 189 10.99 1.71 -5.35
CA THR B 189 10.88 0.75 -4.26
C THR B 189 10.17 1.50 -3.15
N TYR B 190 9.17 0.87 -2.56
CA TYR B 190 8.42 1.47 -1.48
C TYR B 190 8.57 0.57 -0.29
N ILE B 191 8.72 1.18 0.88
CA ILE B 191 8.97 0.42 2.07
C ILE B 191 8.07 0.89 3.19
N GLY B 192 7.42 -0.07 3.84
CA GLY B 192 6.45 0.25 4.86
C GLY B 192 6.54 -0.74 5.99
N VAL B 193 6.47 -0.23 7.22
CA VAL B 193 6.40 -1.09 8.38
C VAL B 193 5.03 -0.97 9.02
N ASP B 194 4.42 -2.11 9.34
CA ASP B 194 3.18 -2.10 10.10
C ASP B 194 3.13 -3.31 11.02
N GLY B 195 2.01 -3.51 11.70
CA GLY B 195 1.83 -4.64 12.59
C GLY B 195 1.87 -4.22 14.04
N PRO B 196 1.65 -5.18 14.96
CA PRO B 196 1.74 -4.95 16.40
C PRO B 196 3.14 -4.54 16.83
N ASP B 197 3.24 -3.73 17.88
CA ASP B 197 4.53 -3.21 18.33
C ASP B 197 5.54 -4.31 18.64
N ASN B 198 5.05 -5.42 19.18
CA ASN B 198 5.96 -6.48 19.62
C ASN B 198 6.27 -7.49 18.52
N ASN B 199 5.82 -7.20 17.30
CA ASN B 199 6.03 -8.10 16.20
C ASN B 199 5.69 -7.44 14.87
N ALA B 200 6.32 -6.29 14.63
CA ALA B 200 6.05 -5.52 13.43
C ALA B 200 6.66 -6.17 12.19
N LEU B 201 6.39 -5.58 11.04
CA LEU B 201 6.74 -6.20 9.78
C LEU B 201 7.14 -5.18 8.72
N LEU B 202 8.37 -5.28 8.22
CA LEU B 202 8.84 -4.47 7.12
C LEU B 202 8.29 -5.08 5.83
N LYS B 203 7.66 -4.27 4.98
CA LYS B 203 7.14 -4.74 3.70
C LYS B 203 7.80 -4.00 2.55
N VAL B 204 8.18 -4.75 1.52
CA VAL B 204 8.82 -4.15 0.35
C VAL B 204 7.90 -4.25 -0.86
N LYS B 205 7.70 -3.12 -1.52
CA LYS B 205 6.90 -3.04 -2.71
C LYS B 205 7.80 -2.52 -3.83
N TYR B 206 7.86 -3.26 -4.95
CA TYR B 206 8.61 -2.86 -6.14
C TYR B 206 7.64 -2.57 -7.27
N GLY B 207 7.49 -1.31 -7.66
CA GLY B 207 6.43 -0.95 -8.59
C GLY B 207 5.06 -1.21 -7.97
N GLU B 208 4.24 -2.00 -8.65
CA GLU B 208 2.90 -2.36 -8.13
C GLU B 208 2.94 -3.56 -7.19
N ALA B 209 4.04 -4.33 -7.26
CA ALA B 209 4.10 -5.64 -6.64
C ALA B 209 4.70 -5.64 -5.22
N TYR B 210 4.07 -6.40 -4.32
CA TYR B 210 4.66 -6.62 -3.00
C TYR B 210 5.63 -7.78 -3.14
N THR B 211 6.88 -7.59 -2.72
CA THR B 211 7.96 -8.52 -3.10
C THR B 211 8.74 -9.19 -1.97
N ASP B 212 8.71 -8.62 -0.78
CA ASP B 212 9.51 -9.17 0.32
C ASP B 212 9.12 -8.55 1.64
N THR B 213 9.49 -9.24 2.71
CA THR B 213 9.23 -8.74 4.06
C THR B 213 10.44 -9.04 4.93
N TYR B 214 10.48 -8.40 6.09
CA TYR B 214 11.54 -8.63 7.07
C TYR B 214 10.96 -8.50 8.46
N HIS B 215 11.24 -9.47 9.34
CA HIS B 215 10.57 -9.54 10.62
C HIS B 215 11.26 -8.78 11.74
N SER B 216 10.50 -8.47 12.78
CA SER B 216 11.05 -7.87 13.98
C SER B 216 12.08 -8.82 14.56
N TYR B 217 13.20 -8.29 15.02
CA TYR B 217 14.26 -9.13 15.55
C TYR B 217 14.53 -8.82 17.04
N ALA B 218 13.95 -7.74 17.56
CA ALA B 218 14.01 -7.45 18.99
C ALA B 218 12.62 -7.33 19.61
N ASN B 219 11.58 -7.43 18.78
CA ASN B 219 10.20 -7.40 19.25
C ASN B 219 9.85 -6.13 20.00
N LYS B 220 10.43 -5.02 19.55
CA LYS B 220 10.19 -3.69 20.15
C LYS B 220 10.09 -2.63 19.06
N ILE B 221 8.94 -2.58 18.40
CA ILE B 221 8.65 -1.65 17.32
C ILE B 221 9.75 -1.61 16.26
N LEU B 222 9.77 -2.63 15.39
CA LEU B 222 10.64 -2.59 14.24
C LEU B 222 10.29 -1.34 13.47
N ARG B 223 11.30 -0.60 13.00
CA ARG B 223 11.05 0.67 12.34
C ARG B 223 12.16 1.06 11.40
N THR B 224 11.86 1.98 10.49
CA THR B 224 12.82 2.36 9.47
C THR B 224 13.06 3.88 9.41
N GLN B 225 13.56 4.35 8.28
CA GLN B 225 14.26 5.64 8.19
C GLN B 225 13.41 6.91 8.24
N GLU B 226 12.17 6.81 7.74
CA GLU B 226 11.30 7.96 7.50
C GLU B 226 11.95 8.94 6.54
N SER B 227 12.76 8.43 5.62
CA SER B 227 13.36 9.22 4.54
C SER B 227 13.81 8.30 3.41
N ALA B 228 14.30 8.91 2.32
CA ALA B 228 14.65 8.14 1.12
C ALA B 228 15.76 7.14 1.40
N CYS B 229 15.58 5.92 0.89
CA CYS B 229 16.68 4.96 0.85
C CYS B 229 17.54 5.31 -0.36
N ASN B 230 18.60 4.54 -0.56
CA ASN B 230 19.62 4.95 -1.49
C ASN B 230 20.04 3.82 -2.39
N CYS B 231 20.04 4.09 -3.69
CA CYS B 231 20.31 3.06 -4.66
C CYS B 231 21.55 3.37 -5.48
N ILE B 232 22.38 2.35 -5.65
CA ILE B 232 23.51 2.43 -6.56
C ILE B 232 23.63 1.12 -7.36
N GLY B 233 23.67 1.23 -8.68
CA GLY B 233 23.77 0.07 -9.55
C GLY B 233 22.72 -0.99 -9.28
N GLY B 234 21.51 -0.56 -8.90
CA GLY B 234 20.43 -1.49 -8.69
C GLY B 234 20.32 -2.02 -7.27
N ASN B 235 21.30 -1.69 -6.44
CA ASN B 235 21.26 -2.10 -5.05
C ASN B 235 20.81 -0.96 -4.17
N CYS B 236 19.75 -1.19 -3.41
CA CYS B 236 19.22 -0.17 -2.54
C CYS B 236 19.54 -0.52 -1.09
N TYR B 237 20.03 0.46 -0.34
CA TYR B 237 20.39 0.22 1.06
C TYR B 237 19.45 0.97 1.97
N LEU B 238 19.06 0.31 3.04
CA LEU B 238 18.02 0.81 3.92
C LEU B 238 18.36 0.55 5.37
N MET B 239 18.28 1.58 6.20
CA MET B 239 18.46 1.38 7.63
C MET B 239 17.14 0.94 8.25
N ILE B 240 17.23 -0.05 9.13
CA ILE B 240 16.10 -0.46 9.94
C ILE B 240 16.58 -0.56 11.36
N THR B 241 15.67 -0.48 12.31
CA THR B 241 16.10 -0.66 13.69
C THR B 241 14.93 -1.24 14.48
N ASP B 242 15.26 -1.80 15.63
CA ASP B 242 14.33 -2.55 16.45
C ASP B 242 14.86 -2.50 17.87
N GLY B 243 14.00 -2.20 18.83
CA GLY B 243 14.46 -2.05 20.20
C GLY B 243 13.81 -0.88 20.92
N SER B 244 13.93 -0.90 22.24
CA SER B 244 13.32 0.11 23.09
C SER B 244 13.81 1.52 22.79
N ALA B 245 12.89 2.46 22.84
CA ALA B 245 13.19 3.84 22.50
C ALA B 245 13.90 4.55 23.66
N SER B 246 13.96 3.88 24.80
CA SER B 246 14.67 4.39 25.96
C SER B 246 15.74 3.41 26.42
N GLY B 247 16.19 2.56 25.51
CA GLY B 247 17.27 1.64 25.78
C GLY B 247 18.08 1.29 24.55
N VAL B 248 18.23 0.00 24.29
CA VAL B 248 19.06 -0.44 23.17
C VAL B 248 18.26 -0.63 21.87
N SER B 249 18.77 -0.06 20.78
CA SER B 249 18.18 -0.24 19.47
C SER B 249 19.28 -0.45 18.45
N GLU B 250 19.83 -1.65 18.38
CA GLU B 250 20.86 -1.95 17.38
C GLU B 250 20.23 -1.98 16.01
N CYS B 251 20.68 -1.10 15.12
CA CYS B 251 20.09 -1.01 13.79
C CYS B 251 20.74 -2.02 12.86
N ARG B 252 20.11 -2.25 11.72
CA ARG B 252 20.64 -3.13 10.70
C ARG B 252 20.52 -2.43 9.37
N PHE B 253 21.30 -2.86 8.39
CA PHE B 253 21.03 -2.38 7.04
C PHE B 253 20.57 -3.54 6.17
N LEU B 254 19.65 -3.23 5.26
CA LEU B 254 19.14 -4.20 4.33
C LEU B 254 19.64 -3.82 2.95
N LYS B 255 20.17 -4.78 2.22
CA LYS B 255 20.49 -4.56 0.82
C LYS B 255 19.36 -5.15 0.00
N ILE B 256 18.65 -4.29 -0.71
CA ILE B 256 17.49 -4.69 -1.47
C ILE B 256 17.75 -4.51 -2.95
N ARG B 257 17.44 -5.53 -3.73
CA ARG B 257 17.64 -5.44 -5.17
C ARG B 257 16.38 -5.91 -5.90
N GLU B 258 15.83 -5.03 -6.73
CA GLU B 258 14.59 -5.29 -7.44
C GLU B 258 13.49 -5.77 -6.50
N GLY B 259 13.41 -5.13 -5.34
CA GLY B 259 12.37 -5.41 -4.37
C GLY B 259 12.68 -6.58 -3.47
N ARG B 260 13.78 -7.29 -3.69
CA ARG B 260 14.10 -8.42 -2.80
C ARG B 260 15.34 -8.21 -1.96
N ILE B 261 15.23 -8.62 -0.70
CA ILE B 261 16.29 -8.42 0.26
C ILE B 261 17.32 -9.47 0.06
N ILE B 262 18.53 -9.07 -0.33
CA ILE B 262 19.56 -10.02 -0.75
C ILE B 262 20.73 -10.08 0.21
N LYS B 263 20.72 -9.21 1.22
CA LYS B 263 21.75 -9.25 2.26
C LYS B 263 21.37 -8.41 3.48
N GLU B 264 21.66 -8.93 4.67
CA GLU B 264 21.59 -8.14 5.90
C GLU B 264 22.99 -7.66 6.27
N ILE B 265 23.13 -6.39 6.59
CA ILE B 265 24.42 -5.85 7.02
C ILE B 265 24.38 -5.40 8.47
N PHE B 266 25.26 -5.99 9.29
CA PHE B 266 25.31 -5.72 10.73
C PHE B 266 26.47 -4.80 11.09
N PRO B 267 26.17 -3.54 11.38
CA PRO B 267 27.22 -2.54 11.62
C PRO B 267 28.06 -2.86 12.83
N THR B 268 29.30 -2.40 12.83
CA THR B 268 30.16 -2.51 13.99
C THR B 268 30.34 -1.15 14.65
N GLY B 269 30.99 -1.13 15.81
CA GLY B 269 31.36 0.12 16.45
C GLY B 269 30.36 0.50 17.52
N ARG B 270 29.88 1.73 17.45
CA ARG B 270 29.02 2.27 18.49
C ARG B 270 27.57 2.01 18.09
N VAL B 271 27.04 0.86 18.50
CA VAL B 271 25.78 0.37 17.95
C VAL B 271 24.63 0.37 18.96
N LYS B 272 24.92 0.86 20.16
CA LYS B 272 23.99 0.99 21.28
C LYS B 272 22.56 1.45 20.90
N HIS B 273 22.46 2.55 20.18
CA HIS B 273 21.14 3.05 19.79
C HIS B 273 21.25 3.90 18.55
N THR B 274 20.69 3.40 17.46
CA THR B 274 20.67 4.11 16.20
C THR B 274 19.27 4.01 15.63
N GLU B 275 18.70 5.11 15.18
CA GLU B 275 17.39 5.05 14.53
C GLU B 275 17.19 6.23 13.59
N GLU B 276 16.16 6.15 12.76
CA GLU B 276 15.75 7.22 11.86
C GLU B 276 16.90 7.88 11.11
N CYS B 277 17.81 7.05 10.64
CA CYS B 277 18.94 7.52 9.86
C CYS B 277 18.54 8.30 8.62
N THR B 278 19.16 9.45 8.44
CA THR B 278 19.13 10.17 7.18
C THR B 278 20.41 9.87 6.39
N CYS B 279 20.26 9.27 5.21
CA CYS B 279 21.39 8.66 4.51
C CYS B 279 21.57 9.23 3.11
N GLY B 280 22.81 9.20 2.64
CA GLY B 280 23.14 9.72 1.33
C GLY B 280 24.48 9.20 0.86
N PHE B 281 24.76 9.43 -0.40
CA PHE B 281 26.04 8.99 -0.94
C PHE B 281 27.09 10.08 -0.76
N ALA B 282 28.19 9.73 -0.08
CA ALA B 282 29.37 10.59 -0.05
C ALA B 282 30.19 10.35 -1.32
N SER B 283 30.03 9.16 -1.89
CA SER B 283 30.69 8.77 -3.13
C SER B 283 30.11 7.46 -3.63
N ASN B 284 30.73 6.93 -4.69
CA ASN B 284 30.32 5.65 -5.27
C ASN B 284 30.69 4.46 -4.38
N LYS B 285 31.54 4.70 -3.40
CA LYS B 285 32.01 3.63 -2.53
C LYS B 285 31.36 3.67 -1.13
N THR B 286 30.79 4.82 -0.76
CA THR B 286 30.38 5.05 0.63
C THR B 286 29.02 5.73 0.77
N ILE B 287 28.18 5.16 1.64
CA ILE B 287 26.95 5.80 2.08
C ILE B 287 27.22 6.35 3.46
N GLU B 288 26.75 7.57 3.75
CA GLU B 288 26.86 8.10 5.10
C GLU B 288 25.50 8.44 5.67
N CYS B 289 25.31 8.20 6.96
CA CYS B 289 24.03 8.46 7.61
C CYS B 289 24.21 9.21 8.91
N ALA B 290 23.37 10.21 9.12
CA ALA B 290 23.32 10.90 10.39
C ALA B 290 22.00 10.51 11.07
N CYS B 291 22.10 9.90 12.24
CA CYS B 291 20.95 9.26 12.83
C CYS B 291 20.55 9.85 14.17
N ARG B 292 19.67 9.15 14.86
CA ARG B 292 19.08 9.63 16.09
C ARG B 292 19.33 8.63 17.21
N ASP B 293 19.83 9.12 18.32
CA ASP B 293 19.90 8.31 19.53
C ASP B 293 18.86 8.86 20.49
N ASN B 294 17.76 8.14 20.67
CA ASN B 294 16.66 8.66 21.46
C ASN B 294 16.86 8.36 22.93
N SER B 295 18.00 7.77 23.26
CA SER B 295 18.19 7.25 24.59
C SER B 295 19.38 7.82 25.38
N TYR B 296 20.56 7.89 24.74
CA TYR B 296 21.81 8.11 25.48
C TYR B 296 22.54 9.41 25.21
N THR B 297 22.28 10.07 24.09
CA THR B 297 23.08 11.23 23.74
C THR B 297 22.37 12.18 22.78
N ALA B 298 22.79 13.44 22.82
CA ALA B 298 22.37 14.45 21.86
C ALA B 298 23.37 14.54 20.69
N LYS B 299 24.43 13.74 20.73
CA LYS B 299 25.24 13.57 19.54
C LYS B 299 24.51 12.63 18.60
N ARG B 300 24.66 12.83 17.30
CA ARG B 300 24.03 11.93 16.33
C ARG B 300 24.95 10.74 16.03
N PRO B 301 24.40 9.52 16.12
CA PRO B 301 25.23 8.43 15.60
C PRO B 301 25.42 8.65 14.11
N PHE B 302 26.62 8.39 13.63
CA PHE B 302 26.97 8.67 12.26
C PHE B 302 27.50 7.38 11.60
N VAL B 303 26.79 6.91 10.59
CA VAL B 303 27.10 5.63 9.96
C VAL B 303 27.96 5.83 8.70
N LYS B 304 29.01 5.04 8.57
CA LYS B 304 29.69 4.95 7.28
C LYS B 304 29.50 3.54 6.73
N LEU B 305 28.92 3.45 5.54
CA LEU B 305 28.62 2.18 4.91
C LEU B 305 29.44 2.00 3.63
N ASN B 306 30.34 1.02 3.64
CA ASN B 306 31.08 0.71 2.44
C ASN B 306 30.24 -0.18 1.50
N VAL B 307 29.85 0.41 0.39
CA VAL B 307 28.96 -0.20 -0.57
C VAL B 307 29.64 -1.29 -1.39
N GLU B 308 30.96 -1.24 -1.48
CA GLU B 308 31.71 -2.25 -2.23
C GLU B 308 32.02 -3.51 -1.43
N THR B 309 32.15 -3.38 -0.11
CA THR B 309 32.36 -4.55 0.74
C THR B 309 31.11 -4.91 1.57
N ASP B 310 30.04 -4.12 1.43
CA ASP B 310 28.83 -4.23 2.27
C ASP B 310 29.13 -4.34 3.77
N THR B 311 29.92 -3.40 4.27
CA THR B 311 30.26 -3.32 5.69
C THR B 311 29.93 -1.93 6.19
N ALA B 312 29.50 -1.84 7.44
CA ALA B 312 29.14 -0.57 8.01
C ALA B 312 29.71 -0.42 9.41
N GLU B 313 30.10 0.80 9.75
CA GLU B 313 30.59 1.11 11.09
C GLU B 313 29.87 2.35 11.63
N ILE B 314 29.61 2.37 12.94
CA ILE B 314 28.95 3.52 13.56
C ILE B 314 29.76 4.17 14.69
N ARG B 315 29.88 5.49 14.63
CA ARG B 315 30.46 6.31 15.69
C ARG B 315 29.64 7.57 15.83
N LEU B 316 29.63 8.15 17.04
CA LEU B 316 28.97 9.43 17.26
C LEU B 316 29.66 10.56 16.51
N MET B 317 28.91 11.48 15.91
CA MET B 317 29.55 12.71 15.41
C MET B 317 30.26 13.42 16.53
N CYS B 318 31.37 14.03 16.20
CA CYS B 318 32.24 14.59 17.21
C CYS B 318 32.01 16.10 17.37
N THR B 319 31.37 16.70 16.38
CA THR B 319 31.26 18.15 16.34
C THR B 319 30.61 18.74 17.59
N ASP B 320 31.16 19.86 18.05
CA ASP B 320 30.61 20.60 19.18
C ASP B 320 29.16 21.00 18.92
N THR B 321 28.79 21.11 17.66
CA THR B 321 27.44 21.48 17.27
C THR B 321 26.51 20.27 17.33
N TYR B 322 25.98 19.94 18.51
CA TYR B 322 25.16 18.76 18.66
C TYR B 322 23.86 18.94 17.89
N LEU B 323 23.49 17.95 17.10
CA LEU B 323 22.40 18.12 16.14
C LEU B 323 21.06 17.57 16.61
N ASP B 324 21.06 16.87 17.73
CA ASP B 324 19.82 16.36 18.28
C ASP B 324 19.04 17.45 19.04
N THR B 325 17.76 17.16 19.27
CA THR B 325 16.88 17.93 20.14
C THR B 325 16.17 16.92 21.03
N PRO B 326 16.24 17.08 22.37
CA PRO B 326 17.00 18.09 23.12
C PRO B 326 18.52 17.90 23.06
N ARG B 327 19.25 18.91 23.51
CA ARG B 327 20.71 18.93 23.55
C ARG B 327 21.19 19.92 24.61
N PRO B 328 22.34 19.66 25.22
CA PRO B 328 22.97 20.65 26.12
C PRO B 328 23.61 21.77 25.31
N ASN B 329 24.31 22.70 25.95
CA ASN B 329 25.02 23.72 25.18
C ASN B 329 26.11 23.10 24.31
N ASP B 330 26.30 23.63 23.10
CA ASP B 330 27.37 23.17 22.21
C ASP B 330 28.73 23.12 22.93
N GLY B 331 29.51 22.08 22.65
CA GLY B 331 30.83 21.95 23.23
C GLY B 331 30.88 21.70 24.74
N SER B 332 29.73 21.39 25.34
CA SER B 332 29.70 21.18 26.79
C SER B 332 29.78 19.71 27.20
N ILE B 333 29.77 18.79 26.22
CA ILE B 333 29.91 17.38 26.56
C ILE B 333 31.37 17.04 26.67
N THR B 334 31.83 16.81 27.90
CA THR B 334 33.26 16.64 28.11
C THR B 334 33.69 15.19 27.94
N GLY B 335 34.98 15.00 27.76
CA GLY B 335 35.55 13.68 27.58
C GLY B 335 35.78 13.45 26.11
N PRO B 336 36.27 12.26 25.76
CA PRO B 336 36.54 11.92 24.35
C PRO B 336 35.28 11.95 23.48
N CYS B 337 35.51 11.91 22.17
CA CYS B 337 34.46 11.99 21.17
C CYS B 337 33.27 11.06 21.41
N GLU B 338 33.54 9.90 22.00
CA GLU B 338 32.50 8.88 22.23
C GLU B 338 31.62 9.17 23.45
N SER B 339 31.96 10.20 24.23
CA SER B 339 31.19 10.50 25.44
C SER B 339 29.75 10.89 25.11
N ASN B 340 28.81 10.25 25.80
CA ASN B 340 27.40 10.52 25.60
C ASN B 340 26.95 11.89 26.12
N GLY B 341 27.32 12.22 27.36
CA GLY B 341 26.92 13.49 27.97
C GLY B 341 25.46 13.53 28.41
N ASP B 342 24.99 14.73 28.74
CA ASP B 342 23.63 14.95 29.27
C ASP B 342 22.60 15.34 28.23
N LYS B 343 21.33 15.37 28.64
CA LYS B 343 20.18 15.70 27.79
C LYS B 343 20.06 14.75 26.61
N GLY B 344 20.57 13.53 26.78
CA GLY B 344 20.61 12.58 25.68
C GLY B 344 19.29 11.93 25.37
N SER B 345 18.45 11.82 26.39
CA SER B 345 17.15 11.18 26.26
C SER B 345 16.24 12.00 25.36
N GLY B 346 15.47 11.32 24.53
CA GLY B 346 14.66 11.99 23.52
C GLY B 346 15.49 12.24 22.28
N GLY B 347 14.90 12.85 21.27
CA GLY B 347 15.58 13.04 20.01
C GLY B 347 14.68 13.54 18.90
N ILE B 348 15.22 13.52 17.69
CA ILE B 348 14.51 14.03 16.54
C ILE B 348 15.29 13.60 15.30
N LYS B 349 14.57 13.31 14.22
CA LYS B 349 15.22 12.97 12.96
C LYS B 349 15.79 14.26 12.38
N GLY B 350 17.05 14.21 11.96
CA GLY B 350 17.72 15.40 11.45
C GLY B 350 18.10 15.36 9.99
N GLY B 351 17.94 16.49 9.31
CA GLY B 351 18.36 16.60 7.93
C GLY B 351 19.87 16.51 7.77
N PHE B 352 20.27 15.84 6.70
CA PHE B 352 21.67 15.62 6.36
C PHE B 352 21.70 15.35 4.86
N VAL B 353 22.61 15.97 4.13
CA VAL B 353 22.71 15.72 2.69
C VAL B 353 24.12 16.06 2.18
N HIS B 354 24.59 15.33 1.19
CA HIS B 354 25.96 15.53 0.70
C HIS B 354 26.05 16.49 -0.46
N GLN B 355 27.15 17.21 -0.52
CA GLN B 355 27.51 17.98 -1.71
C GLN B 355 28.80 17.41 -2.29
N ARG B 356 28.68 16.65 -3.36
CA ARG B 356 29.83 15.92 -3.90
C ARG B 356 30.54 16.75 -4.96
N MET B 357 31.77 17.14 -4.66
CA MET B 357 32.56 17.87 -5.63
C MET B 357 33.71 17.00 -6.05
N GLU B 358 34.49 17.47 -7.03
CA GLU B 358 35.59 16.69 -7.56
C GLU B 358 36.53 16.21 -6.47
N SER B 359 36.93 17.10 -5.57
CA SER B 359 37.86 16.69 -4.53
C SER B 359 37.39 16.99 -3.11
N LYS B 360 36.29 17.73 -2.97
CA LYS B 360 35.71 17.97 -1.65
C LYS B 360 34.38 17.24 -1.51
N ILE B 361 34.08 16.87 -0.28
CA ILE B 361 32.73 16.48 0.08
C ILE B 361 32.16 17.53 1.02
N GLY B 362 31.00 18.09 0.68
CA GLY B 362 30.32 18.99 1.58
C GLY B 362 29.26 18.24 2.37
N ARG B 363 29.12 18.57 3.64
CA ARG B 363 28.10 17.94 4.46
C ARG B 363 27.22 19.00 5.06
N TRP B 364 25.95 18.97 4.68
CA TRP B 364 24.96 19.92 5.16
C TRP B 364 24.05 19.28 6.19
N TYR B 365 23.80 19.98 7.29
CA TYR B 365 22.90 19.47 8.33
C TYR B 365 21.85 20.50 8.79
N SER B 366 20.79 20.00 9.42
CA SER B 366 19.85 20.89 10.06
C SER B 366 19.59 20.48 11.51
N ARG B 367 19.28 21.47 12.34
CA ARG B 367 18.84 21.21 13.72
C ARG B 367 17.92 22.31 14.16
N THR B 368 17.07 22.02 15.14
CA THR B 368 16.08 22.99 15.60
C THR B 368 16.74 24.22 16.21
N MET B 369 16.06 25.35 16.19
CA MET B 369 16.62 26.55 16.74
C MET B 369 16.64 26.48 18.25
N SER B 370 15.61 25.88 18.84
CA SER B 370 15.55 25.71 20.28
C SER B 370 16.34 24.50 20.69
N LYS B 371 16.92 24.52 21.89
CA LYS B 371 17.72 23.40 22.35
C LYS B 371 16.85 22.28 22.93
N THR B 372 15.58 22.58 23.20
CA THR B 372 14.73 21.61 23.89
C THR B 372 13.37 21.40 23.21
N GLU B 373 12.95 22.36 22.40
CA GLU B 373 11.66 22.24 21.76
C GLU B 373 11.83 22.04 20.27
N ARG B 374 10.80 21.54 19.64
CA ARG B 374 10.77 21.41 18.20
C ARG B 374 10.34 22.71 17.56
N MET B 375 11.15 23.74 17.77
CA MET B 375 10.89 25.08 17.28
C MET B 375 12.09 25.58 16.46
N GLY B 376 11.82 26.07 15.27
CA GLY B 376 12.88 26.65 14.44
C GLY B 376 13.70 25.59 13.75
N MET B 377 14.43 25.99 12.73
CA MET B 377 15.34 25.07 12.05
C MET B 377 16.47 25.82 11.39
N GLY B 378 17.69 25.45 11.74
CA GLY B 378 18.87 26.13 11.21
C GLY B 378 19.66 25.22 10.30
N LEU B 379 20.35 25.82 9.34
CA LEU B 379 21.20 25.07 8.42
C LEU B 379 22.68 25.20 8.77
N TYR B 380 23.40 24.08 8.71
CA TYR B 380 24.83 24.05 9.00
C TYR B 380 25.58 23.33 7.89
N VAL B 381 26.87 23.63 7.76
CA VAL B 381 27.67 23.01 6.72
C VAL B 381 29.10 22.84 7.18
N LYS B 382 29.71 21.73 6.76
CA LYS B 382 31.14 21.55 6.92
C LYS B 382 31.71 20.80 5.74
N TYR B 383 32.75 21.37 5.14
CA TYR B 383 33.41 20.71 4.02
C TYR B 383 34.50 19.79 4.51
N ASP B 384 34.56 18.59 3.94
CA ASP B 384 35.63 17.63 4.19
C ASP B 384 35.68 17.17 5.63
N GLY B 385 36.72 16.41 5.95
CA GLY B 385 36.96 16.02 7.32
C GLY B 385 36.36 14.68 7.66
N ASP B 386 36.70 14.20 8.85
CA ASP B 386 36.10 13.00 9.40
C ASP B 386 35.08 13.43 10.46
N PRO B 387 33.79 13.21 10.18
CA PRO B 387 32.75 13.55 11.16
C PRO B 387 32.92 12.79 12.47
N TRP B 388 33.62 11.67 12.43
CA TRP B 388 33.89 10.92 13.64
C TRP B 388 34.95 11.57 14.53
N ALA B 389 35.75 12.46 13.95
CA ALA B 389 36.94 12.96 14.65
C ALA B 389 37.00 14.47 14.83
N ASP B 390 36.35 15.24 13.97
CA ASP B 390 36.46 16.69 14.03
C ASP B 390 35.50 17.28 15.05
N SER B 391 36.04 17.88 16.11
CA SER B 391 35.20 18.48 17.14
C SER B 391 34.75 19.89 16.77
N ASP B 392 35.34 20.46 15.74
CA ASP B 392 35.02 21.83 15.33
C ASP B 392 33.53 22.03 15.18
N ALA B 393 33.04 23.19 15.60
CA ALA B 393 31.66 23.56 15.35
C ALA B 393 31.39 23.53 13.84
N LEU B 394 30.15 23.18 13.49
CA LEU B 394 29.72 23.26 12.11
C LEU B 394 29.56 24.75 11.77
N ALA B 395 29.57 25.09 10.49
CA ALA B 395 29.40 26.48 10.12
C ALA B 395 27.91 26.79 9.98
N PHE B 396 27.43 27.76 10.75
CA PHE B 396 26.04 28.14 10.67
C PHE B 396 25.77 28.79 9.33
N SER B 397 24.77 28.29 8.60
CA SER B 397 24.56 28.74 7.23
C SER B 397 23.29 29.56 7.06
N GLY B 398 22.46 29.61 8.10
CA GLY B 398 21.28 30.43 8.04
C GLY B 398 20.03 29.81 8.65
N VAL B 399 19.07 30.67 8.95
CA VAL B 399 17.82 30.26 9.58
C VAL B 399 16.79 29.86 8.53
N MET B 400 16.42 28.58 8.48
CA MET B 400 15.40 28.14 7.53
C MET B 400 13.99 28.32 8.10
N VAL B 401 13.84 28.02 9.38
CA VAL B 401 12.58 28.23 10.06
C VAL B 401 12.84 29.00 11.35
N SER B 402 12.15 30.12 11.50
CA SER B 402 12.26 30.95 12.68
C SER B 402 11.94 30.19 13.97
N MET B 403 12.51 30.61 15.09
CA MET B 403 12.21 30.04 16.41
C MET B 403 10.71 30.18 16.79
N LYS B 404 9.99 31.09 16.13
CA LYS B 404 8.58 31.27 16.39
C LYS B 404 7.72 30.23 15.65
N GLU B 405 8.33 29.46 14.74
CA GLU B 405 7.59 28.47 13.94
C GLU B 405 8.00 27.03 14.28
N PRO B 406 7.12 26.05 14.00
CA PRO B 406 7.48 24.66 14.29
C PRO B 406 8.59 24.13 13.41
N GLY B 407 9.49 23.37 14.02
CA GLY B 407 10.57 22.72 13.30
C GLY B 407 10.71 21.33 13.85
N TRP B 408 10.22 20.33 13.11
CA TRP B 408 10.21 18.97 13.60
C TRP B 408 11.19 18.15 12.79
N TYR B 409 10.71 17.10 12.13
CA TYR B 409 11.59 16.27 11.33
C TYR B 409 12.23 17.05 10.18
N SER B 410 13.46 16.69 9.85
CA SER B 410 14.04 17.14 8.60
C SER B 410 14.81 15.99 7.95
N PHE B 411 15.08 16.15 6.65
CA PHE B 411 15.56 15.03 5.85
C PHE B 411 16.29 15.58 4.65
N GLY B 412 17.26 14.83 4.15
CA GLY B 412 17.94 15.22 2.93
C GLY B 412 17.36 14.42 1.78
N PHE B 413 17.47 14.98 0.57
CA PHE B 413 17.19 14.27 -0.66
C PHE B 413 17.94 14.96 -1.78
N GLU B 414 17.94 14.35 -2.96
CA GLU B 414 18.62 14.95 -4.11
C GLU B 414 17.74 14.96 -5.37
N ILE B 415 17.65 16.11 -6.02
CA ILE B 415 16.99 16.21 -7.31
C ILE B 415 18.00 15.90 -8.42
N LYS B 416 17.54 15.24 -9.47
CA LYS B 416 18.40 14.92 -10.59
C LYS B 416 18.28 16.00 -11.65
N ASP B 417 19.34 16.79 -11.83
CA ASP B 417 19.41 17.71 -12.96
C ASP B 417 19.95 16.87 -14.12
N LYS B 418 20.05 17.47 -15.31
CA LYS B 418 20.41 16.75 -16.51
C LYS B 418 21.75 16.02 -16.41
N LYS B 419 22.73 16.62 -15.75
CA LYS B 419 24.06 16.02 -15.72
C LYS B 419 24.65 15.98 -14.32
N CYS B 420 23.91 16.47 -13.34
CA CYS B 420 24.42 16.45 -11.97
C CYS B 420 23.25 16.42 -10.98
N ASP B 421 23.59 16.26 -9.71
CA ASP B 421 22.59 16.13 -8.65
C ASP B 421 22.50 17.39 -7.79
N VAL B 422 21.28 17.78 -7.44
CA VAL B 422 21.03 18.93 -6.59
C VAL B 422 20.67 18.50 -5.18
N PRO B 423 21.54 18.81 -4.21
CA PRO B 423 21.25 18.44 -2.82
C PRO B 423 20.23 19.37 -2.14
N CYS B 424 19.34 18.78 -1.35
CA CYS B 424 18.25 19.52 -0.70
C CYS B 424 17.99 19.07 0.71
N ILE B 425 17.39 19.96 1.49
CA ILE B 425 16.91 19.55 2.80
C ILE B 425 15.45 19.92 2.93
N GLY B 426 14.64 18.94 3.33
CA GLY B 426 13.25 19.17 3.60
C GLY B 426 13.03 19.30 5.08
N ILE B 427 12.03 20.09 5.47
CA ILE B 427 11.71 20.28 6.86
C ILE B 427 10.24 20.03 7.15
N GLU B 428 9.95 19.14 8.10
CA GLU B 428 8.58 18.93 8.57
C GLU B 428 8.16 20.01 9.57
N MET B 429 7.07 20.70 9.26
CA MET B 429 6.57 21.75 10.12
C MET B 429 5.19 21.39 10.66
N VAL B 430 5.18 20.80 11.86
CA VAL B 430 3.98 20.20 12.40
C VAL B 430 3.02 21.23 13.00
N HIS B 431 1.75 21.16 12.61
CA HIS B 431 0.74 21.97 13.27
C HIS B 431 0.30 21.23 14.53
N ASP B 432 0.73 21.70 15.69
CA ASP B 432 0.42 20.98 16.91
C ASP B 432 -0.40 21.80 17.88
N GLY B 433 -1.64 21.38 18.09
CA GLY B 433 -2.53 22.06 19.01
C GLY B 433 -3.00 21.17 20.14
N GLY B 434 -2.32 20.04 20.32
CA GLY B 434 -2.67 19.10 21.37
C GLY B 434 -3.57 17.97 20.91
N LYS B 435 -3.91 17.07 21.82
CA LYS B 435 -4.69 15.89 21.46
C LYS B 435 -6.15 16.23 21.25
N GLU B 436 -6.54 17.46 21.54
CA GLU B 436 -7.96 17.82 21.45
C GLU B 436 -8.34 18.33 20.07
N THR B 437 -7.38 18.38 19.16
CA THR B 437 -7.66 18.86 17.82
C THR B 437 -6.90 18.03 16.80
N TRP B 438 -6.89 18.47 15.54
CA TRP B 438 -6.19 17.73 14.52
C TRP B 438 -4.66 17.96 14.61
N HIS B 439 -3.90 17.03 14.07
CA HIS B 439 -2.46 17.03 14.24
C HIS B 439 -1.81 16.67 12.92
N SER B 440 -1.15 17.62 12.27
CA SER B 440 -0.58 17.36 10.95
C SER B 440 0.64 18.22 10.63
N ALA B 441 1.11 18.19 9.39
CA ALA B 441 2.36 18.88 9.03
C ALA B 441 2.38 19.55 7.68
N ALA B 442 3.20 20.58 7.57
CA ALA B 442 3.57 21.16 6.30
C ALA B 442 4.99 20.73 5.98
N THR B 443 5.45 21.00 4.77
CA THR B 443 6.79 20.63 4.36
C THR B 443 7.47 21.80 3.67
N ALA B 444 8.65 22.16 4.14
CA ALA B 444 9.42 23.24 3.54
C ALA B 444 10.68 22.67 2.91
N ILE B 445 11.07 23.23 1.77
CA ILE B 445 12.22 22.73 1.05
C ILE B 445 13.29 23.78 0.82
N TYR B 446 14.53 23.44 1.16
CA TYR B 446 15.68 24.27 0.83
C TYR B 446 16.66 23.47 -0.01
N CYS B 447 17.21 24.12 -1.04
CA CYS B 447 18.10 23.43 -1.96
C CYS B 447 19.36 24.23 -2.23
N LEU B 448 20.42 23.51 -2.56
CA LEU B 448 21.66 24.15 -2.97
C LEU B 448 21.43 24.89 -4.27
N MET B 449 21.55 26.22 -4.25
CA MET B 449 21.48 26.98 -5.48
C MET B 449 22.24 28.31 -5.42
N GLY B 450 23.11 28.50 -6.40
CA GLY B 450 23.92 29.70 -6.49
C GLY B 450 24.88 29.90 -5.33
N SER B 451 25.31 31.14 -5.15
CA SER B 451 26.29 31.44 -4.12
C SER B 451 25.75 32.53 -3.19
N GLY B 452 26.58 32.94 -2.24
CA GLY B 452 26.16 33.93 -1.27
C GLY B 452 25.66 33.30 0.03
N GLN B 453 24.65 33.91 0.63
CA GLN B 453 24.13 33.46 1.91
C GLN B 453 22.62 33.19 1.84
N LEU B 454 22.16 32.30 2.70
CA LEU B 454 20.76 31.93 2.79
C LEU B 454 19.94 33.17 3.12
N LEU B 455 18.85 33.39 2.40
CA LEU B 455 18.19 34.69 2.46
C LEU B 455 16.81 34.74 3.16
N TRP B 456 16.00 33.69 3.08
CA TRP B 456 14.67 33.79 3.69
C TRP B 456 14.21 32.54 4.41
N ASP B 457 13.49 32.77 5.48
CA ASP B 457 12.93 31.72 6.30
C ASP B 457 11.52 31.40 5.83
N THR B 458 10.99 30.28 6.31
CA THR B 458 9.69 29.78 5.88
C THR B 458 8.71 29.84 7.03
N VAL B 459 7.52 30.36 6.75
CA VAL B 459 6.43 30.23 7.70
C VAL B 459 5.39 29.32 7.08
N THR B 460 4.56 28.77 7.93
CA THR B 460 3.58 27.79 7.55
C THR B 460 2.30 28.47 7.06
N GLY B 461 1.99 29.63 7.64
CA GLY B 461 0.82 30.41 7.28
C GLY B 461 -0.51 29.91 7.83
N VAL B 462 -0.47 28.83 8.62
CA VAL B 462 -1.69 28.21 9.10
C VAL B 462 -2.11 28.62 10.50
N ASP B 463 -3.38 29.02 10.60
CA ASP B 463 -4.10 29.26 11.84
C ASP B 463 -4.97 28.04 12.18
N MET B 464 -4.57 27.28 13.19
CA MET B 464 -5.24 26.00 13.48
C MET B 464 -6.69 26.15 13.96
N ALA B 465 -7.10 27.36 14.32
CA ALA B 465 -8.45 27.57 14.81
C ALA B 465 -9.50 27.69 13.70
N LEU B 466 -9.07 27.71 12.44
CA LEU B 466 -9.98 27.83 11.30
C LEU B 466 -10.35 26.47 10.70
C1 NAG C . 3.14 -20.38 -19.79
C2 NAG C . 4.30 -20.52 -18.84
C3 NAG C . 5.31 -19.38 -19.04
C4 NAG C . 5.66 -19.18 -20.51
C5 NAG C . 4.38 -19.08 -21.33
C6 NAG C . 4.63 -19.01 -22.82
C7 NAG C . 4.11 -21.54 -16.61
C8 NAG C . 5.01 -22.63 -17.11
N2 NAG C . 3.83 -20.56 -17.47
O3 NAG C . 6.51 -19.72 -18.33
O4 NAG C . 6.41 -17.98 -20.69
O5 NAG C . 3.59 -20.26 -21.11
O6 NAG C . 5.22 -20.21 -23.29
O7 NAG C . 3.67 -21.54 -15.46
C1 NAG C . 7.75 -18.19 -21.21
C2 NAG C . 8.21 -16.95 -21.96
C3 NAG C . 9.63 -17.16 -22.50
C4 NAG C . 10.58 -17.62 -21.41
C5 NAG C . 9.98 -18.82 -20.65
C6 NAG C . 10.80 -19.25 -19.45
C7 NAG C . 6.40 -15.63 -22.96
C8 NAG C . 5.56 -15.42 -24.20
N2 NAG C . 7.31 -16.61 -23.05
O3 NAG C . 10.10 -15.94 -23.07
O4 NAG C . 11.81 -18.02 -21.99
O5 NAG C . 8.67 -18.50 -20.18
O6 NAG C . 10.05 -19.10 -18.25
O7 NAG C . 6.25 -14.95 -21.95
C1 BMA C . 12.97 -17.35 -21.43
C2 BMA C . 14.21 -18.28 -21.50
C3 BMA C . 15.41 -17.58 -20.83
C4 BMA C . 15.59 -16.14 -21.34
C5 BMA C . 14.23 -15.36 -21.32
C6 BMA C . 14.31 -13.98 -21.96
O2 BMA C . 14.58 -18.52 -22.86
O3 BMA C . 16.63 -18.34 -21.01
O4 BMA C . 16.53 -15.48 -20.52
O5 BMA C . 13.25 -16.11 -22.02
O6 BMA C . 13.00 -13.38 -21.89
C1 MAN C . 12.74 -12.62 -23.08
C2 MAN C . 11.22 -12.68 -23.43
C3 MAN C . 11.02 -12.80 -24.95
C4 MAN C . 12.00 -11.89 -25.73
C5 MAN C . 13.49 -12.22 -25.39
C6 MAN C . 14.39 -10.99 -25.25
O2 MAN C . 10.51 -11.47 -23.03
O3 MAN C . 9.67 -12.54 -25.33
O4 MAN C . 11.79 -12.06 -27.13
O5 MAN C . 13.58 -13.00 -24.15
O6 MAN C . 15.74 -11.42 -25.33
C1 NAG D . -37.23 5.30 -1.06
C2 NAG D . -38.26 6.07 -0.27
C3 NAG D . -39.60 5.32 -0.24
C4 NAG D . -40.03 4.93 -1.65
C5 NAG D . -38.89 4.21 -2.37
C6 NAG D . -39.20 3.90 -3.82
C7 NAG D . -37.51 7.53 1.56
C8 NAG D . -37.03 7.57 2.99
N2 NAG D . -37.79 6.30 1.08
O3 NAG D . -40.59 6.15 0.35
O4 NAG D . -41.16 4.06 -1.60
O5 NAG D . -37.72 5.03 -2.36
O6 NAG D . -38.16 4.34 -4.68
O7 NAG D . -37.67 8.54 0.90
C1 NAG D . -42.40 4.74 -1.91
C2 NAG D . -43.35 3.70 -2.51
C3 NAG D . -44.73 4.31 -2.75
C4 NAG D . -45.27 4.93 -1.47
C5 NAG D . -44.26 5.95 -0.93
C6 NAG D . -44.68 6.56 0.39
C7 NAG D . -42.19 1.98 -3.82
C8 NAG D . -41.70 1.57 -5.18
N2 NAG D . -42.82 3.16 -3.75
O3 NAG D . -45.64 3.31 -3.20
O4 NAG D . -46.52 5.55 -1.71
O5 NAG D . -43.00 5.30 -0.71
O6 NAG D . -43.74 7.54 0.83
O7 NAG D . -42.03 1.26 -2.84
C1 NAG E . 29.88 6.82 -10.00
C2 NAG E . 30.39 8.14 -10.58
C3 NAG E . 29.65 8.47 -11.88
C4 NAG E . 29.74 7.30 -12.86
C5 NAG E . 29.21 6.05 -12.19
C6 NAG E . 29.35 4.82 -13.06
C7 NAG E . 31.23 9.90 -9.09
C8 NAG E . 32.60 9.54 -9.57
N2 NAG E . 30.22 9.21 -9.61
O3 NAG E . 30.21 9.65 -12.45
O4 NAG E . 28.95 7.57 -14.01
O5 NAG E . 29.96 5.79 -11.00
O6 NAG E . 30.72 4.53 -13.29
O7 NAG E . 31.04 10.80 -8.27
C1 NAG E . 29.72 7.63 -15.22
C2 NAG E . 28.79 7.38 -16.40
C3 NAG E . 29.55 7.44 -17.72
C4 NAG E . 30.40 8.70 -17.83
C5 NAG E . 31.21 8.93 -16.53
C6 NAG E . 31.88 10.29 -16.49
C7 NAG E . 26.91 5.96 -15.68
C8 NAG E . 26.37 4.55 -15.64
N2 NAG E . 28.11 6.10 -16.27
O3 NAG E . 28.59 7.42 -18.77
O4 NAG E . 31.34 8.55 -18.89
O5 NAG E . 30.34 8.87 -15.38
O6 NAG E . 31.06 11.24 -15.82
O7 NAG E . 26.31 6.91 -15.19
C1 BMA E . 31.11 9.23 -20.16
C2 BMA E . 29.75 9.93 -20.28
C3 BMA E . 29.57 10.29 -21.75
C4 BMA E . 30.67 11.29 -22.17
C5 BMA E . 32.10 10.71 -21.90
C6 BMA E . 33.18 11.80 -22.01
O2 BMA E . 29.78 11.18 -19.59
O3 BMA E . 28.26 10.80 -22.01
O4 BMA E . 30.52 11.63 -23.53
O5 BMA E . 32.19 10.11 -20.56
O6 BMA E . 34.38 11.24 -22.55
CA CA F . -24.74 -21.67 0.03
C1 ZMR G . -24.85 -10.37 -2.28
O1A ZMR G . -25.31 -11.46 -1.84
O1B ZMR G . -24.48 -9.45 -1.49
C2 ZMR G . -24.68 -10.22 -3.61
C3 ZMR G . -25.10 -8.87 -4.19
C4 ZMR G . -25.09 -9.01 -5.62
C5 ZMR G . -26.18 -9.77 -6.05
N5 ZMR G . -25.99 -10.16 -7.54
C10 ZMR G . -26.86 -9.53 -8.54
O10 ZMR G . -27.74 -8.75 -8.22
C11 ZMR G . -26.66 -9.86 -9.97
C6 ZMR G . -26.47 -10.89 -5.19
O6 ZMR G . -25.35 -11.32 -4.40
C7 ZMR G . -27.23 -12.05 -5.94
O7 ZMR G . -28.68 -11.79 -5.98
C8 ZMR G . -26.82 -13.53 -5.48
O8 ZMR G . -25.59 -13.83 -5.98
C9 ZMR G . -27.79 -14.61 -5.87
O9 ZMR G . -27.86 -14.93 -7.22
NE ZMR G . -25.21 -7.59 -6.22
CZ ZMR G . -24.88 -7.28 -7.59
NH1 ZMR G . -23.80 -7.81 -8.12
NH2 ZMR G . -25.40 -6.20 -8.10
C1 EDO H . -26.10 11.13 -3.69
O1 EDO H . -25.97 10.48 -2.42
C2 EDO H . -24.83 11.84 -4.12
O2 EDO H . -24.88 12.12 -5.51
C1 EDO I . -10.50 -10.41 -24.81
O1 EDO I . -11.45 -9.57 -25.46
C2 EDO I . -9.09 -9.90 -25.09
O2 EDO I . -8.40 -10.65 -26.10
CA CA J . 19.00 12.20 21.98
C1 NAG K . -11.29 8.98 21.01
C2 NAG K . -10.34 7.81 21.26
C3 NAG K . -10.93 6.87 22.31
C4 NAG K . -11.39 7.66 23.55
C5 NAG K . -12.21 8.90 23.18
C6 NAG K . -12.48 9.81 24.35
C7 NAG K . -8.88 6.96 19.44
C8 NAG K . -8.83 6.18 18.17
N2 NAG K . -10.08 7.08 20.02
O3 NAG K . -9.98 5.89 22.67
O4 NAG K . -12.18 6.81 24.39
O5 NAG K . -11.49 9.68 22.22
O6 NAG K . -12.88 9.10 25.50
O7 NAG K . -7.87 7.47 19.94
C1 ZMR L . 8.68 11.66 16.89
O1A ZMR L . 9.36 11.83 17.95
O1B ZMR L . 7.96 12.60 16.42
C2 ZMR L . 8.77 10.46 16.23
C3 ZMR L . 7.46 9.93 15.62
C4 ZMR L . 7.64 8.63 15.02
C5 ZMR L . 8.13 7.67 15.92
N5 ZMR L . 8.41 6.37 15.12
C10 ZMR L . 7.58 5.21 15.29
O10 ZMR L . 7.78 4.19 14.66
C11 ZMR L . 6.43 5.27 16.23
C6 ZMR L . 9.35 8.08 16.59
O6 ZMR L . 9.29 9.40 17.14
C7 ZMR L . 9.75 7.14 17.78
O7 ZMR L . 8.76 7.05 18.87
C8 ZMR L . 11.24 7.44 18.26
O8 ZMR L . 12.03 7.49 17.16
C9 ZMR L . 11.79 6.45 19.23
O9 ZMR L . 12.20 5.22 18.72
NE ZMR L . 6.27 8.18 14.47
CZ ZMR L . 6.13 7.31 13.32
NH1 ZMR L . 7.16 7.10 12.52
NH2 ZMR L . 4.94 6.91 12.97
C1 EDO M . 16.02 32.66 -0.06
O1 EDO M . 16.10 31.54 0.83
C2 EDO M . 14.74 32.65 -0.88
O2 EDO M . 14.82 31.68 -1.93
C1 EDO N . 13.72 14.60 -11.98
O1 EDO N . 14.64 15.64 -12.28
C2 EDO N . 13.67 14.46 -10.47
O2 EDO N . 15.00 14.19 -10.00
C1 EDO O . -1.78 -0.74 9.08
O1 EDO O . -1.32 -2.08 8.87
C2 EDO O . -0.61 0.22 9.34
O2 EDO O . -1.05 1.57 9.27
C1 EDO P . -8.06 7.10 13.70
O1 EDO P . -6.73 6.64 13.50
C2 EDO P . -8.04 8.61 13.47
O2 EDO P . -6.96 8.90 12.59
C1 EDO Q . 27.28 16.27 17.46
O1 EDO Q . 28.53 15.67 17.85
C2 EDO Q . 26.38 15.30 16.70
O2 EDO Q . 25.29 15.97 16.06
#